data_7KKE
#
_entry.id   7KKE
#
_cell.length_a   141.456
_cell.length_b   67.050
_cell.length_c   107.398
_cell.angle_alpha   90.000
_cell.angle_beta   97.050
_cell.angle_gamma   90.000
#
_symmetry.space_group_name_H-M   'C 1 2 1'
#
loop_
_entity.id
_entity.type
_entity.pdbx_description
1 polymer 'Phosphatidylinositol 4,5-bisphosphate 3-kinase catalytic subunit gamma isoform'
2 non-polymer "N-[2-(3,3-dimethylbutoxy)ethyl]-N'-{4-methyl-5-[(pyridin-4-yl)ethynyl]-1,3-thiazol-2-yl}urea"
3 water water
#
_entity_poly.entity_id   1
_entity_poly.type   'polypeptide(L)'
_entity_poly.pdbx_seq_one_letter_code
;MPMASEESQAFQRQLTALIGYDVTDVSNVHDDELEFTRRGLVTPRMAEVASRDPKLYAMHPWVTSKPLPEYLWKKIANNC
IFIVIHRSTTSQTIKVSPDDTPGAILQSFFTKMAKKKSLMDIPESQSEQDFVLRVCGRDEYLVGETPIKNFQWVRHCLKN
GEEIHVVLDTPPDPALDEVRKEEWPLVDDCTGVTGYHEQLTIHGKDHESVFTVSLWDCDRKFRVKIRGIDIPVLPRNTDL
TVFVEANIQHGQQVLCQRRTSPKPFTEEVLWNVWLEFSIKIKDLPKGALLNLQIYCGKAPALSSKASAESPSSESKGKVQ
LLYYVNLLLIDHRFLLRRGEYVLHMWQISGKGEDQGSFNADKLTSATNPDKENSMSISILLDNYCHPIALPKHQPTPDPE
GDRVRAEMPNQLRKQLEAIIATDPLNPLTAEDKELLWHFRYESLKHPKAYPKLFSSVKWGQQEIVAKTYQLLARREVWDQ
SALDVGLTMQLLDCNFSDENVRAIAVQKLESLEDDDVLHYLLQLVQAVKFEPYHDSALARFLLKRGLRNKRIGHFLFWFL
RSEIAQSRHYQQRFAVILEAYLRGCGTAMLHDFTQQVQVIEMLQKVTLDIKSLSAEKYDVSSQVISQLKQKLENLQNSQL
PESFRVPYDPGLKAGALAIEKCKVMASKKKPLWLEFKCADPTALSNETIGIIFKHGDDLRQDMLILQILRIMESIWETES
LDLCLLPYGCISTGDKIGMIEIVKDATTIAKIQQSTVGNTGAFKDEVLNHWLKEKSPTEEKFQAAVERFVYSCAGYCVAT
FVLGIGDRHNDNIMITETGNLFHIDFGHILGNYKSFLGINKERVPFVLTPDFLFVMGTSGKKTSPHFQKFQDICVKAYLA
LRHHTNLLIILFSMMLMTGMPQLTSKEDIEYIRDALTVGKNEEDAKKYFLDQIEVCRDKGWTVQFNWFLHLVLGIKQGEK
HSALEHHHHHH
;
_entity_poly.pdbx_strand_id   A
#
loop_
_chem_comp.id
_chem_comp.type
_chem_comp.name
_chem_comp.formula
WJV non-polymer N-[2-(3,3-dimethylbutoxy)ethyl]-N'-{4-methyl-5-[(pyridin-4-yl)ethynyl]-1,3-thiazol-2-yl}urea 'C20 H26 N4 O2 S'
#
# COMPACT_ATOMS: atom_id res chain seq x y z
N ALA A 4 -28.93 13.02 -16.96
CA ALA A 4 -30.22 13.41 -17.53
C ALA A 4 -30.89 12.24 -18.21
N SER A 5 -30.11 11.42 -18.94
CA SER A 5 -30.59 10.23 -19.65
C SER A 5 -31.13 9.19 -18.69
N GLU A 6 -32.21 8.51 -19.08
CA GLU A 6 -32.83 7.46 -18.27
C GLU A 6 -31.84 6.30 -18.03
N GLU A 7 -31.00 5.99 -19.05
CA GLU A 7 -29.94 4.98 -19.02
C GLU A 7 -28.66 5.50 -18.33
N SER A 8 -28.44 6.83 -18.32
CA SER A 8 -27.35 7.46 -17.59
C SER A 8 -27.61 7.39 -16.07
N GLN A 9 -28.88 7.25 -15.66
CA GLN A 9 -29.26 7.05 -14.26
C GLN A 9 -28.92 5.58 -13.87
N ALA A 10 -29.05 4.62 -14.82
CA ALA A 10 -28.69 3.21 -14.64
C ALA A 10 -27.16 3.00 -14.65
N PHE A 11 -26.41 3.94 -15.21
CA PHE A 11 -24.95 3.91 -15.21
C PHE A 11 -24.45 4.26 -13.80
N GLN A 12 -25.11 5.23 -13.13
CA GLN A 12 -24.76 5.67 -11.79
C GLN A 12 -25.02 4.60 -10.71
N ARG A 13 -25.97 3.69 -10.97
CA ARG A 13 -26.21 2.60 -10.03
C ARG A 13 -25.21 1.47 -10.28
N GLN A 14 -24.72 1.29 -11.53
CA GLN A 14 -23.64 0.33 -11.81
C GLN A 14 -22.37 0.85 -11.13
N LEU A 15 -22.10 2.16 -11.21
CA LEU A 15 -20.94 2.75 -10.58
C LEU A 15 -20.98 2.57 -9.07
N THR A 16 -22.13 2.82 -8.46
CA THR A 16 -22.29 2.64 -7.01
C THR A 16 -22.13 1.17 -6.56
N ALA A 17 -22.40 0.23 -7.47
CA ALA A 17 -22.24 -1.20 -7.17
C ALA A 17 -20.78 -1.61 -7.22
N LEU A 18 -19.99 -0.99 -8.09
CA LEU A 18 -18.55 -1.23 -8.21
C LEU A 18 -17.78 -0.49 -7.09
N ILE A 19 -18.19 0.73 -6.79
CA ILE A 19 -17.56 1.58 -5.79
C ILE A 19 -17.88 1.09 -4.39
N GLY A 20 -19.11 0.66 -4.17
CA GLY A 20 -19.60 0.25 -2.86
C GLY A 20 -20.05 1.45 -2.04
N TYR A 21 -20.31 2.61 -2.71
CA TYR A 21 -20.74 3.85 -2.08
C TYR A 21 -21.44 4.74 -3.11
N ASP A 22 -22.55 5.38 -2.71
CA ASP A 22 -23.31 6.26 -3.59
C ASP A 22 -22.79 7.72 -3.58
N VAL A 23 -21.99 8.08 -4.60
CA VAL A 23 -21.42 9.43 -4.74
C VAL A 23 -22.45 10.53 -5.01
N THR A 24 -23.66 10.17 -5.45
CA THR A 24 -24.71 11.16 -5.68
C THR A 24 -25.51 11.39 -4.40
N ASP A 25 -24.87 11.28 -3.22
CA ASP A 25 -25.57 11.43 -1.96
C ASP A 25 -25.15 12.71 -1.31
N VAL A 26 -26.11 13.53 -0.86
CA VAL A 26 -25.76 14.77 -0.17
C VAL A 26 -26.25 14.80 1.30
N SER A 27 -26.62 13.64 1.86
CA SER A 27 -27.07 13.57 3.24
C SER A 27 -25.93 13.69 4.27
N ASN A 28 -24.66 13.63 3.82
CA ASN A 28 -23.55 13.76 4.75
C ASN A 28 -22.61 14.93 4.43
N VAL A 29 -23.10 15.95 3.69
CA VAL A 29 -22.25 17.10 3.34
C VAL A 29 -22.82 18.42 3.78
N HIS A 30 -21.95 19.37 4.14
CA HIS A 30 -22.37 20.74 4.47
C HIS A 30 -21.89 21.75 3.41
N ASP A 31 -21.56 21.28 2.19
CA ASP A 31 -21.12 22.10 1.07
C ASP A 31 -20.84 21.21 -0.17
N ASP A 32 -20.55 21.85 -1.29
CA ASP A 32 -20.31 21.16 -2.55
C ASP A 32 -18.88 20.71 -2.78
N GLU A 33 -18.06 20.55 -1.71
CA GLU A 33 -16.65 20.13 -1.83
C GLU A 33 -16.47 18.88 -2.70
N LEU A 34 -17.33 17.87 -2.47
CA LEU A 34 -17.28 16.65 -3.25
C LEU A 34 -17.92 16.79 -4.64
N GLU A 35 -18.97 17.61 -4.77
CA GLU A 35 -19.63 17.81 -6.05
C GLU A 35 -18.76 18.60 -7.02
N PHE A 36 -18.11 19.63 -6.50
CA PHE A 36 -17.18 20.48 -7.23
C PHE A 36 -15.97 19.63 -7.67
N THR A 37 -15.53 18.67 -6.82
CA THR A 37 -14.44 17.74 -7.11
C THR A 37 -14.84 16.79 -8.22
N ARG A 38 -16.10 16.34 -8.24
CA ARG A 38 -16.57 15.42 -9.28
C ARG A 38 -16.47 16.07 -10.65
N ARG A 39 -16.95 17.32 -10.77
CA ARG A 39 -16.87 18.08 -12.01
C ARG A 39 -15.42 18.51 -12.29
N GLY A 40 -14.68 18.88 -11.25
CA GLY A 40 -13.29 19.25 -11.36
C GLY A 40 -12.38 18.17 -11.89
N LEU A 41 -12.77 16.90 -11.71
CA LEU A 41 -11.97 15.77 -12.20
C LEU A 41 -12.28 15.36 -13.64
N VAL A 42 -13.36 15.88 -14.23
CA VAL A 42 -13.78 15.58 -15.61
C VAL A 42 -12.68 15.96 -16.63
N THR A 43 -12.06 17.11 -16.39
CA THR A 43 -10.99 17.71 -17.16
C THR A 43 -9.72 16.82 -17.21
N PRO A 44 -9.07 16.42 -16.08
CA PRO A 44 -7.90 15.52 -16.19
C PRO A 44 -8.29 14.10 -16.59
N ARG A 45 -9.55 13.66 -16.33
CA ARG A 45 -10.00 12.32 -16.74
C ARG A 45 -10.04 12.29 -18.25
N MET A 46 -10.70 13.29 -18.85
CA MET A 46 -10.83 13.33 -20.30
C MET A 46 -9.50 13.59 -20.96
N ALA A 47 -8.62 14.39 -20.35
CA ALA A 47 -7.28 14.64 -20.89
C ALA A 47 -6.48 13.35 -21.00
N GLU A 48 -6.65 12.44 -20.03
CA GLU A 48 -5.95 11.15 -20.04
C GLU A 48 -6.59 10.17 -21.01
N VAL A 49 -7.93 10.07 -20.99
CA VAL A 49 -8.70 9.21 -21.88
C VAL A 49 -8.39 9.57 -23.35
N ALA A 50 -8.28 10.88 -23.64
CA ALA A 50 -7.91 11.34 -24.96
C ALA A 50 -6.41 11.13 -25.24
N SER A 51 -5.53 11.46 -24.27
CA SER A 51 -4.08 11.33 -24.45
C SER A 51 -3.57 9.93 -24.73
N ARG A 52 -4.12 8.91 -24.06
CA ARG A 52 -3.64 7.53 -24.20
C ARG A 52 -3.87 6.89 -25.58
N ASP A 53 -2.83 6.16 -26.05
CA ASP A 53 -2.78 5.36 -27.29
C ASP A 53 -3.67 4.15 -27.03
N PRO A 54 -4.57 3.84 -27.95
CA PRO A 54 -5.51 2.73 -27.70
C PRO A 54 -4.97 1.31 -27.89
N LYS A 55 -4.04 1.07 -28.83
CA LYS A 55 -3.50 -0.27 -29.07
C LYS A 55 -2.55 -0.74 -27.95
N LEU A 56 -1.88 0.20 -27.32
CA LEU A 56 -0.98 -0.08 -26.22
C LEU A 56 -1.79 -0.14 -24.91
N TYR A 57 -2.84 0.69 -24.77
CA TYR A 57 -3.68 0.65 -23.58
C TYR A 57 -4.47 -0.65 -23.47
N ALA A 58 -4.88 -1.21 -24.61
CA ALA A 58 -5.63 -2.44 -24.62
C ALA A 58 -4.72 -3.61 -24.23
N MET A 59 -3.49 -3.65 -24.77
CA MET A 59 -2.58 -4.76 -24.48
C MET A 59 -1.68 -4.56 -23.28
N HIS A 60 -1.81 -3.43 -22.57
CA HIS A 60 -1.05 -3.09 -21.36
C HIS A 60 0.37 -3.73 -21.24
N PRO A 61 1.32 -3.51 -22.19
CA PRO A 61 2.65 -4.16 -22.05
C PRO A 61 3.32 -3.84 -20.72
N TRP A 62 3.86 -4.86 -20.02
CA TRP A 62 4.50 -4.65 -18.72
C TRP A 62 6.02 -4.61 -18.86
N VAL A 63 6.57 -3.40 -19.02
CA VAL A 63 8.00 -3.21 -19.23
C VAL A 63 8.69 -2.42 -18.08
N THR A 64 10.03 -2.33 -18.12
CA THR A 64 10.86 -1.60 -17.16
C THR A 64 12.13 -1.07 -17.87
N SER A 65 12.52 0.18 -17.58
CA SER A 65 13.74 0.76 -18.18
C SER A 65 15.00 0.56 -17.32
N LYS A 66 14.92 -0.25 -16.28
CA LYS A 66 16.06 -0.53 -15.41
C LYS A 66 16.96 -1.57 -16.08
N PRO A 67 18.29 -1.47 -15.88
CA PRO A 67 19.19 -2.49 -16.44
C PRO A 67 18.86 -3.92 -16.01
N LEU A 68 19.17 -4.89 -16.89
CA LEU A 68 18.95 -6.30 -16.60
C LEU A 68 20.00 -6.70 -15.55
N PRO A 69 19.57 -7.18 -14.38
CA PRO A 69 20.53 -7.47 -13.30
C PRO A 69 21.61 -8.51 -13.64
N GLU A 70 22.78 -8.40 -12.98
CA GLU A 70 23.93 -9.29 -13.18
C GLU A 70 23.59 -10.78 -13.04
N TYR A 71 22.91 -11.18 -11.95
CA TYR A 71 22.53 -12.59 -11.73
C TYR A 71 21.68 -13.16 -12.85
N LEU A 72 20.75 -12.35 -13.40
CA LEU A 72 19.88 -12.73 -14.50
C LEU A 72 20.66 -12.77 -15.83
N TRP A 73 21.70 -11.94 -15.97
CA TRP A 73 22.53 -11.95 -17.18
C TRP A 73 23.29 -13.27 -17.30
N LYS A 74 23.68 -13.88 -16.16
CA LYS A 74 24.38 -15.16 -16.13
C LYS A 74 23.58 -16.29 -16.78
N LYS A 75 22.24 -16.19 -16.75
CA LYS A 75 21.37 -17.18 -17.40
C LYS A 75 21.43 -17.06 -18.94
N ILE A 76 21.74 -15.86 -19.47
CA ILE A 76 21.87 -15.65 -20.91
C ILE A 76 23.35 -15.74 -21.22
N ALA A 77 23.87 -16.96 -21.23
CA ALA A 77 25.28 -17.23 -21.52
C ALA A 77 25.60 -17.11 -23.02
N ASN A 78 24.59 -17.23 -23.91
CA ASN A 78 24.80 -17.16 -25.35
C ASN A 78 24.49 -15.78 -25.96
N ASN A 79 24.05 -14.80 -25.14
CA ASN A 79 23.65 -13.46 -25.62
C ASN A 79 22.51 -13.62 -26.67
N CYS A 80 21.61 -14.58 -26.42
CA CYS A 80 20.48 -14.98 -27.24
C CYS A 80 19.72 -16.00 -26.41
N ILE A 81 18.42 -15.75 -26.14
CA ILE A 81 17.57 -16.64 -25.33
C ILE A 81 16.47 -17.31 -26.18
N PHE A 82 15.91 -18.42 -25.67
CA PHE A 82 14.89 -19.20 -26.34
C PHE A 82 13.47 -18.66 -26.13
N ILE A 83 12.65 -18.71 -27.19
CA ILE A 83 11.24 -18.32 -27.16
C ILE A 83 10.42 -19.37 -27.88
N VAL A 84 9.60 -20.11 -27.15
CA VAL A 84 8.73 -21.10 -27.75
C VAL A 84 7.48 -20.40 -28.27
N ILE A 85 7.29 -20.32 -29.60
CA ILE A 85 6.08 -19.68 -30.16
C ILE A 85 5.08 -20.76 -30.52
N HIS A 86 3.85 -20.63 -30.03
CA HIS A 86 2.84 -21.63 -30.28
C HIS A 86 1.62 -21.13 -31.00
N ARG A 87 1.20 -21.85 -32.04
CA ARG A 87 -0.04 -21.54 -32.72
C ARG A 87 -0.65 -22.89 -33.01
N SER A 88 -1.73 -23.24 -32.32
CA SER A 88 -2.41 -24.53 -32.53
C SER A 88 -1.40 -25.66 -32.40
N THR A 89 -1.32 -26.46 -33.46
CA THR A 89 -0.39 -27.58 -33.53
C THR A 89 1.07 -27.16 -33.47
N THR A 90 1.39 -26.02 -34.10
CA THR A 90 2.76 -25.51 -34.14
C THR A 90 3.33 -25.23 -32.76
N SER A 91 4.61 -25.56 -32.55
CA SER A 91 5.29 -25.33 -31.28
C SER A 91 6.79 -25.38 -31.47
N GLN A 92 7.32 -24.49 -32.31
CA GLN A 92 8.75 -24.44 -32.63
C GLN A 92 9.45 -23.23 -32.04
N THR A 93 10.49 -23.49 -31.25
CA THR A 93 11.32 -22.51 -30.53
C THR A 93 12.10 -21.58 -31.48
N ILE A 94 12.60 -20.45 -30.95
CA ILE A 94 13.39 -19.45 -31.71
C ILE A 94 14.50 -18.88 -30.80
N LYS A 95 15.69 -18.59 -31.36
CA LYS A 95 16.76 -17.98 -30.59
C LYS A 95 16.85 -16.51 -30.98
N VAL A 96 16.58 -15.60 -30.02
CA VAL A 96 16.62 -14.15 -30.27
C VAL A 96 17.51 -13.38 -29.30
N SER A 97 18.16 -12.33 -29.78
CA SER A 97 19.04 -11.49 -28.98
C SER A 97 18.24 -10.70 -27.95
N PRO A 98 18.76 -10.48 -26.72
CA PRO A 98 18.02 -9.69 -25.73
C PRO A 98 17.65 -8.28 -26.18
N ASP A 99 18.28 -7.77 -27.24
CA ASP A 99 17.96 -6.44 -27.78
C ASP A 99 16.89 -6.49 -28.89
N ASP A 100 16.24 -7.65 -29.10
CA ASP A 100 15.23 -7.82 -30.14
C ASP A 100 13.83 -7.38 -29.76
N THR A 101 13.33 -6.34 -30.42
CA THR A 101 11.98 -5.82 -30.25
C THR A 101 10.98 -6.90 -30.69
N PRO A 102 9.80 -7.07 -30.04
CA PRO A 102 8.84 -8.08 -30.51
C PRO A 102 8.43 -7.96 -31.99
N GLY A 103 8.68 -6.78 -32.59
CA GLY A 103 8.42 -6.52 -34.00
C GLY A 103 9.45 -7.19 -34.87
N ALA A 104 10.73 -7.13 -34.44
CA ALA A 104 11.84 -7.78 -35.12
C ALA A 104 11.66 -9.30 -34.99
N ILE A 105 11.26 -9.79 -33.80
CA ILE A 105 11.02 -11.22 -33.64
C ILE A 105 9.77 -11.68 -34.44
N LEU A 106 8.95 -10.75 -34.95
CA LEU A 106 7.81 -11.08 -35.79
C LEU A 106 8.33 -11.33 -37.21
N GLN A 107 9.24 -10.46 -37.71
CA GLN A 107 9.84 -10.65 -39.04
C GLN A 107 10.70 -11.93 -39.11
N SER A 108 11.27 -12.35 -37.96
CA SER A 108 12.09 -13.57 -37.87
C SER A 108 11.26 -14.86 -37.66
N PHE A 109 9.93 -14.75 -37.62
CA PHE A 109 9.05 -15.90 -37.51
C PHE A 109 8.30 -16.11 -38.83
N PHE A 110 7.90 -15.02 -39.49
CA PHE A 110 7.19 -15.11 -40.76
C PHE A 110 8.17 -15.42 -41.90
N THR A 111 9.35 -14.77 -41.93
CA THR A 111 10.37 -15.05 -42.96
C THR A 111 10.97 -16.47 -42.80
N LYS A 112 10.90 -17.04 -41.58
CA LYS A 112 11.33 -18.41 -41.27
C LYS A 112 10.09 -19.34 -41.30
N MET A 113 9.18 -19.12 -42.27
CA MET A 113 7.94 -19.88 -42.48
C MET A 113 7.44 -19.75 -43.94
N ALA A 114 6.65 -20.74 -44.40
CA ALA A 114 6.10 -20.74 -45.76
C ALA A 114 4.74 -21.44 -45.81
N GLU A 128 -0.34 -9.53 -42.18
CA GLU A 128 0.72 -10.34 -41.59
C GLU A 128 1.15 -9.81 -40.22
N GLN A 129 1.38 -8.49 -40.10
CA GLN A 129 1.78 -7.88 -38.82
C GLN A 129 0.68 -7.87 -37.75
N ASP A 130 -0.56 -8.23 -38.13
CA ASP A 130 -1.73 -8.25 -37.27
C ASP A 130 -1.76 -9.38 -36.23
N PHE A 131 -0.58 -9.83 -35.79
CA PHE A 131 -0.46 -10.85 -34.76
C PHE A 131 0.46 -10.33 -33.66
N VAL A 132 0.14 -10.65 -32.40
CA VAL A 132 0.91 -10.24 -31.24
C VAL A 132 1.39 -11.42 -30.41
N LEU A 133 2.42 -11.20 -29.60
CA LEU A 133 2.96 -12.25 -28.76
C LEU A 133 2.24 -12.21 -27.42
N ARG A 134 1.36 -13.17 -27.15
CA ARG A 134 0.62 -13.21 -25.89
C ARG A 134 1.09 -14.40 -25.06
N VAL A 135 1.42 -14.23 -23.76
CA VAL A 135 1.93 -15.37 -22.97
C VAL A 135 0.87 -16.48 -22.81
N CYS A 136 1.32 -17.73 -22.74
CA CYS A 136 0.44 -18.90 -22.64
C CYS A 136 -0.23 -18.97 -21.25
N GLY A 137 -1.56 -18.99 -21.24
CA GLY A 137 -2.37 -19.12 -20.02
C GLY A 137 -2.77 -17.86 -19.28
N ARG A 138 -2.36 -16.68 -19.78
CA ARG A 138 -2.62 -15.36 -19.18
C ARG A 138 -2.94 -14.30 -20.22
N ASP A 139 -3.46 -13.15 -19.80
CA ASP A 139 -3.71 -12.02 -20.69
C ASP A 139 -2.53 -11.07 -20.50
N GLU A 140 -1.35 -11.48 -20.98
CA GLU A 140 -0.14 -10.67 -20.89
C GLU A 140 0.48 -10.55 -22.30
N TYR A 141 0.81 -9.32 -22.74
CA TYR A 141 1.28 -9.09 -24.10
C TYR A 141 2.68 -8.54 -24.31
N LEU A 142 3.52 -9.28 -25.05
CA LEU A 142 4.87 -8.87 -25.45
C LEU A 142 4.77 -8.01 -26.72
N VAL A 143 4.33 -6.73 -26.56
CA VAL A 143 4.12 -5.78 -27.65
C VAL A 143 4.82 -4.43 -27.39
N GLY A 144 5.08 -3.67 -28.46
CA GLY A 144 5.70 -2.36 -28.37
C GLY A 144 7.20 -2.27 -28.67
N GLU A 145 7.71 -1.06 -28.93
CA GLU A 145 9.14 -0.85 -29.21
C GLU A 145 9.93 -0.84 -27.89
N THR A 146 10.17 -2.04 -27.35
CA THR A 146 10.90 -2.26 -26.10
C THR A 146 11.65 -3.58 -26.25
N PRO A 147 12.96 -3.65 -25.93
CA PRO A 147 13.67 -4.93 -26.09
C PRO A 147 13.12 -6.04 -25.21
N ILE A 148 13.20 -7.31 -25.66
CA ILE A 148 12.68 -8.43 -24.89
C ILE A 148 13.28 -8.56 -23.49
N LYS A 149 14.48 -8.00 -23.26
CA LYS A 149 15.09 -8.03 -21.92
C LYS A 149 14.31 -7.14 -20.95
N ASN A 150 13.64 -6.10 -21.43
CA ASN A 150 12.90 -5.18 -20.62
C ASN A 150 11.46 -5.61 -20.31
N PHE A 151 10.98 -6.74 -20.86
CA PHE A 151 9.63 -7.23 -20.54
C PHE A 151 9.67 -7.97 -19.22
N GLN A 152 8.72 -7.68 -18.31
CA GLN A 152 8.71 -8.27 -16.98
C GLN A 152 8.53 -9.76 -16.98
N TRP A 153 7.68 -10.25 -17.85
CA TRP A 153 7.42 -11.67 -17.94
C TRP A 153 8.66 -12.45 -18.38
N VAL A 154 9.52 -11.86 -19.21
CA VAL A 154 10.76 -12.48 -19.66
C VAL A 154 11.71 -12.60 -18.46
N ARG A 155 11.86 -11.50 -17.70
CA ARG A 155 12.71 -11.42 -16.51
C ARG A 155 12.22 -12.38 -15.42
N HIS A 156 10.90 -12.57 -15.32
CA HIS A 156 10.31 -13.48 -14.36
C HIS A 156 10.71 -14.92 -14.70
N CYS A 157 10.73 -15.26 -15.99
CA CYS A 157 11.13 -16.59 -16.44
C CYS A 157 12.63 -16.85 -16.23
N LEU A 158 13.47 -15.83 -16.44
CA LEU A 158 14.91 -15.95 -16.22
C LEU A 158 15.28 -16.04 -14.73
N LYS A 159 14.37 -15.65 -13.82
CA LYS A 159 14.63 -15.73 -12.39
C LYS A 159 14.36 -17.16 -11.93
N ASN A 160 13.19 -17.69 -12.32
CA ASN A 160 12.76 -19.02 -11.90
C ASN A 160 13.11 -20.16 -12.89
N GLY A 161 14.07 -19.89 -13.79
CA GLY A 161 14.57 -20.83 -14.79
C GLY A 161 13.53 -21.53 -15.65
N GLU A 162 12.37 -20.88 -15.86
CA GLU A 162 11.27 -21.42 -16.68
C GLU A 162 11.42 -21.03 -18.16
N GLU A 163 10.82 -21.84 -19.05
CA GLU A 163 10.89 -21.62 -20.50
C GLU A 163 9.84 -20.59 -20.95
N ILE A 164 10.18 -19.74 -21.94
CA ILE A 164 9.26 -18.72 -22.44
C ILE A 164 8.21 -19.31 -23.38
N HIS A 165 6.94 -19.31 -22.96
CA HIS A 165 5.85 -19.81 -23.79
C HIS A 165 4.91 -18.70 -24.23
N VAL A 166 4.90 -18.42 -25.51
CA VAL A 166 4.06 -17.38 -26.08
C VAL A 166 3.05 -18.00 -27.10
N VAL A 167 2.15 -17.20 -27.68
CA VAL A 167 1.20 -17.68 -28.68
C VAL A 167 1.04 -16.59 -29.76
N LEU A 168 0.96 -17.02 -31.03
CA LEU A 168 0.72 -16.11 -32.13
C LEU A 168 -0.78 -15.83 -32.03
N ASP A 169 -1.12 -14.71 -31.38
CA ASP A 169 -2.48 -14.36 -31.06
C ASP A 169 -2.96 -13.11 -31.81
N THR A 170 -4.28 -12.96 -31.93
CA THR A 170 -4.88 -11.80 -32.54
C THR A 170 -4.93 -10.72 -31.46
N PRO A 171 -4.50 -9.50 -31.78
CA PRO A 171 -4.53 -8.42 -30.77
C PRO A 171 -5.95 -8.03 -30.38
N PRO A 172 -6.15 -7.58 -29.13
CA PRO A 172 -7.49 -7.18 -28.71
C PRO A 172 -7.95 -5.94 -29.46
N ASP A 173 -9.26 -5.78 -29.57
CA ASP A 173 -9.91 -4.68 -30.27
C ASP A 173 -10.00 -3.43 -29.37
N PRO A 174 -9.25 -2.37 -29.68
CA PRO A 174 -9.29 -1.16 -28.85
C PRO A 174 -10.65 -0.48 -28.72
N ALA A 175 -11.64 -0.88 -29.53
CA ALA A 175 -13.00 -0.32 -29.39
C ALA A 175 -13.78 -0.98 -28.23
N LEU A 176 -13.26 -2.09 -27.65
CA LEU A 176 -13.85 -2.72 -26.47
C LEU A 176 -13.68 -1.82 -25.22
N ASP A 177 -12.68 -0.92 -25.22
CA ASP A 177 -12.43 -0.01 -24.10
C ASP A 177 -13.07 1.36 -24.34
N GLU A 178 -14.22 1.38 -25.02
CA GLU A 178 -14.89 2.63 -25.32
C GLU A 178 -15.47 3.26 -24.08
N VAL A 179 -15.47 4.59 -24.03
CA VAL A 179 -15.97 5.31 -22.88
C VAL A 179 -17.31 6.01 -23.18
N ARG A 180 -18.17 6.12 -22.17
CA ARG A 180 -19.47 6.77 -22.31
C ARG A 180 -19.24 8.29 -22.41
N LYS A 181 -20.03 8.99 -23.25
CA LYS A 181 -19.86 10.44 -23.43
C LYS A 181 -20.10 11.23 -22.15
N GLU A 182 -19.03 11.68 -21.48
CA GLU A 182 -19.16 12.43 -20.22
C GLU A 182 -19.66 13.86 -20.43
N THR A 212 -16.52 42.20 -2.77
CA THR A 212 -15.69 41.07 -2.37
C THR A 212 -14.31 41.52 -1.90
N VAL A 213 -14.00 41.34 -0.60
CA VAL A 213 -12.71 41.73 0.00
C VAL A 213 -11.71 40.52 0.09
N SER A 214 -10.44 40.78 0.41
CA SER A 214 -9.45 39.73 0.54
C SER A 214 -9.15 39.42 2.02
N LEU A 215 -8.49 38.28 2.29
CA LEU A 215 -8.11 37.92 3.65
C LEU A 215 -7.04 38.89 4.14
N TRP A 216 -6.03 39.12 3.31
CA TRP A 216 -4.84 39.92 3.59
C TRP A 216 -5.11 41.42 3.83
N ASP A 217 -6.37 41.83 3.72
CA ASP A 217 -6.84 43.19 4.01
C ASP A 217 -7.50 43.21 5.42
N CYS A 218 -8.24 42.14 5.76
CA CYS A 218 -8.93 42.01 7.05
C CYS A 218 -7.95 41.84 8.23
N ASP A 219 -7.87 42.84 9.12
CA ASP A 219 -6.97 42.83 10.28
C ASP A 219 -7.61 42.34 11.59
N ARG A 220 -8.87 41.89 11.54
CA ARG A 220 -9.59 41.43 12.73
C ARG A 220 -9.12 40.07 13.22
N LYS A 221 -9.36 39.75 14.50
CA LYS A 221 -9.00 38.44 15.05
C LYS A 221 -10.07 37.40 14.65
N PHE A 222 -9.68 36.11 14.62
CA PHE A 222 -10.61 35.05 14.29
C PHE A 222 -11.42 34.67 15.51
N ARG A 223 -12.72 34.43 15.32
CA ARG A 223 -13.64 34.05 16.37
C ARG A 223 -14.65 33.01 15.86
N VAL A 224 -15.13 32.17 16.77
CA VAL A 224 -16.13 31.16 16.47
C VAL A 224 -17.03 31.01 17.68
N LYS A 225 -18.33 31.06 17.45
CA LYS A 225 -19.31 30.94 18.49
C LYS A 225 -19.64 29.47 18.62
N ILE A 226 -19.51 28.92 19.83
CA ILE A 226 -19.87 27.53 20.07
C ILE A 226 -21.28 27.54 20.62
N ARG A 227 -22.30 27.38 19.77
CA ARG A 227 -23.69 27.36 20.25
C ARG A 227 -23.92 26.24 21.30
N GLY A 228 -23.94 24.99 20.87
CA GLY A 228 -24.11 23.89 21.79
C GLY A 228 -23.71 22.55 21.21
N ILE A 229 -23.97 21.49 21.99
CA ILE A 229 -23.70 20.09 21.66
C ILE A 229 -24.96 19.25 21.96
N ASP A 230 -25.28 18.29 21.10
CA ASP A 230 -26.46 17.45 21.30
C ASP A 230 -26.20 15.97 21.04
N ILE A 231 -26.19 15.18 22.11
CA ILE A 231 -26.01 13.74 22.03
C ILE A 231 -27.37 13.08 22.16
N PRO A 232 -27.71 12.10 21.29
CA PRO A 232 -29.03 11.42 21.41
C PRO A 232 -29.23 10.72 22.77
N VAL A 233 -28.11 10.19 23.34
CA VAL A 233 -27.87 9.55 24.65
C VAL A 233 -26.48 8.88 24.71
N THR A 238 -22.30 8.34 34.43
CA THR A 238 -23.20 9.15 35.23
C THR A 238 -22.44 10.27 36.05
N ASP A 239 -22.94 11.51 35.92
CA ASP A 239 -22.50 12.75 36.58
C ASP A 239 -21.03 13.10 36.40
N LEU A 240 -20.68 13.55 35.18
CA LEU A 240 -19.33 14.00 34.79
C LEU A 240 -19.44 15.45 34.19
N THR A 241 -18.34 16.02 33.62
CA THR A 241 -18.42 17.35 32.98
C THR A 241 -17.85 17.36 31.58
N VAL A 242 -18.37 18.23 30.71
CA VAL A 242 -17.87 18.38 29.36
C VAL A 242 -17.56 19.82 29.05
N PHE A 243 -16.56 20.01 28.22
CA PHE A 243 -16.17 21.28 27.65
C PHE A 243 -15.71 21.02 26.22
N VAL A 244 -15.74 22.06 25.38
CA VAL A 244 -15.28 21.91 24.02
C VAL A 244 -13.98 22.71 23.85
N GLU A 245 -13.13 22.20 22.97
CA GLU A 245 -11.83 22.76 22.67
C GLU A 245 -11.80 23.00 21.17
N ALA A 246 -11.48 24.21 20.80
CA ALA A 246 -11.40 24.62 19.40
C ALA A 246 -9.94 24.89 19.13
N ASN A 247 -9.43 24.37 18.00
CA ASN A 247 -8.04 24.58 17.65
C ASN A 247 -7.95 24.99 16.23
N ILE A 248 -6.99 25.85 15.93
CA ILE A 248 -6.72 26.21 14.56
C ILE A 248 -5.49 25.36 14.20
N GLN A 249 -5.65 24.39 13.32
CA GLN A 249 -4.56 23.50 12.96
C GLN A 249 -4.14 23.71 11.54
N HIS A 250 -2.88 23.38 11.24
CA HIS A 250 -2.33 23.41 9.90
C HIS A 250 -1.55 22.12 9.86
N GLY A 251 -2.25 21.03 9.56
CA GLY A 251 -1.64 19.72 9.55
C GLY A 251 -1.51 19.22 10.96
N GLN A 252 -0.27 19.00 11.40
CA GLN A 252 -0.05 18.58 12.77
C GLN A 252 -0.10 19.78 13.73
N GLN A 253 0.78 20.75 13.48
CA GLN A 253 0.91 21.96 14.25
C GLN A 253 -0.40 22.62 14.60
N VAL A 254 -0.54 23.03 15.86
CA VAL A 254 -1.72 23.71 16.33
C VAL A 254 -1.40 25.18 16.54
N LEU A 255 -1.92 26.03 15.66
CA LEU A 255 -1.65 27.45 15.73
C LEU A 255 -2.21 28.17 16.93
N CYS A 256 -3.46 27.90 17.27
CA CYS A 256 -4.08 28.55 18.42
C CYS A 256 -5.03 27.60 19.06
N GLN A 257 -5.46 27.91 20.27
CA GLN A 257 -6.35 26.98 20.97
C GLN A 257 -7.17 27.74 21.99
N ARG A 258 -8.49 27.56 21.98
CA ARG A 258 -9.41 28.17 22.95
C ARG A 258 -10.40 27.11 23.42
N ARG A 259 -10.69 27.07 24.72
CA ARG A 259 -11.65 26.09 25.26
C ARG A 259 -12.90 26.79 25.85
N THR A 260 -13.96 26.04 26.09
CA THR A 260 -15.16 26.54 26.73
C THR A 260 -15.09 26.20 28.25
N SER A 261 -15.98 26.79 29.03
CA SER A 261 -16.10 26.50 30.44
C SER A 261 -16.77 25.13 30.56
N PRO A 262 -16.43 24.31 31.57
CA PRO A 262 -17.09 22.99 31.68
C PRO A 262 -18.53 23.14 32.14
N LYS A 263 -19.43 22.34 31.57
CA LYS A 263 -20.84 22.35 31.93
C LYS A 263 -21.30 20.90 32.05
N PRO A 264 -22.23 20.56 32.97
CA PRO A 264 -22.61 19.16 33.14
C PRO A 264 -22.95 18.38 31.87
N PHE A 265 -22.75 17.08 31.95
CA PHE A 265 -22.96 16.13 30.87
C PHE A 265 -24.45 15.83 30.69
N THR A 266 -25.10 16.51 29.75
CA THR A 266 -26.53 16.28 29.49
C THR A 266 -26.77 16.02 27.99
N GLU A 267 -27.99 15.60 27.62
CA GLU A 267 -28.37 15.33 26.23
C GLU A 267 -28.16 16.55 25.35
N GLU A 268 -28.45 17.73 25.87
CA GLU A 268 -28.22 18.98 25.15
C GLU A 268 -27.44 19.88 26.06
N VAL A 269 -26.32 20.42 25.60
CA VAL A 269 -25.50 21.32 26.40
C VAL A 269 -25.29 22.61 25.61
N LEU A 270 -25.99 23.69 25.99
CA LEU A 270 -25.84 24.98 25.31
C LEU A 270 -24.79 25.84 26.00
N TRP A 271 -24.12 26.68 25.24
CA TRP A 271 -23.08 27.57 25.78
C TRP A 271 -23.29 28.96 25.21
N ASN A 272 -23.52 29.04 23.87
CA ASN A 272 -23.69 30.29 23.10
C ASN A 272 -22.54 31.24 23.44
N VAL A 273 -21.28 30.79 23.20
CA VAL A 273 -20.14 31.60 23.61
C VAL A 273 -19.17 31.89 22.46
N TRP A 274 -18.64 33.13 22.42
CA TRP A 274 -17.69 33.49 21.39
C TRP A 274 -16.30 33.15 21.88
N LEU A 275 -15.60 32.32 21.12
CA LEU A 275 -14.24 31.95 21.41
C LEU A 275 -13.38 32.83 20.52
N GLU A 276 -12.62 33.76 21.12
CA GLU A 276 -11.77 34.65 20.34
C GLU A 276 -10.37 34.11 20.31
N PHE A 277 -9.78 34.03 19.15
CA PHE A 277 -8.43 33.55 18.98
C PHE A 277 -7.49 34.73 18.74
N SER A 278 -6.20 34.53 19.00
CA SER A 278 -5.20 35.58 18.78
C SER A 278 -4.85 35.76 17.29
N ILE A 279 -5.15 34.78 16.44
CA ILE A 279 -4.81 34.82 15.01
C ILE A 279 -5.71 35.72 14.20
N LYS A 280 -5.13 36.69 13.47
CA LYS A 280 -5.88 37.57 12.56
C LYS A 280 -6.34 36.77 11.35
N ILE A 281 -7.52 37.09 10.81
CA ILE A 281 -8.09 36.40 9.65
C ILE A 281 -7.12 36.38 8.45
N LYS A 282 -6.34 37.48 8.27
CA LYS A 282 -5.32 37.68 7.23
C LYS A 282 -4.23 36.61 7.26
N ASP A 283 -3.93 36.10 8.48
CA ASP A 283 -2.94 35.12 8.81
C ASP A 283 -3.35 33.67 8.61
N LEU A 284 -4.65 33.41 8.40
CA LEU A 284 -5.10 32.03 8.20
C LEU A 284 -4.58 31.49 6.89
N PRO A 285 -3.95 30.31 6.92
CA PRO A 285 -3.40 29.75 5.67
C PRO A 285 -4.39 28.82 4.97
N LYS A 286 -4.15 28.52 3.68
CA LYS A 286 -5.03 27.62 2.96
C LYS A 286 -4.78 26.21 3.52
N GLY A 287 -5.85 25.54 3.89
CA GLY A 287 -5.73 24.21 4.48
C GLY A 287 -5.82 24.24 5.99
N ALA A 288 -6.05 25.43 6.59
CA ALA A 288 -6.23 25.58 8.02
C ALA A 288 -7.54 24.88 8.40
N LEU A 289 -7.49 24.10 9.47
CA LEU A 289 -8.58 23.27 9.96
C LEU A 289 -9.06 23.79 11.30
N LEU A 290 -10.38 23.84 11.50
CA LEU A 290 -10.92 24.22 12.79
C LEU A 290 -11.35 22.91 13.42
N ASN A 291 -10.52 22.43 14.32
CA ASN A 291 -10.70 21.17 15.01
C ASN A 291 -11.54 21.41 16.27
N LEU A 292 -12.74 20.84 16.33
CA LEU A 292 -13.58 20.98 17.52
C LEU A 292 -13.63 19.66 18.26
N GLN A 293 -13.19 19.67 19.52
CA GLN A 293 -13.08 18.50 20.36
C GLN A 293 -13.88 18.55 21.68
N ILE A 294 -14.61 17.46 22.00
CA ILE A 294 -15.40 17.36 23.23
C ILE A 294 -14.65 16.56 24.27
N TYR A 295 -14.27 17.24 25.36
CA TYR A 295 -13.50 16.63 26.42
C TYR A 295 -14.35 16.35 27.62
N CYS A 296 -14.15 15.18 28.21
CA CYS A 296 -14.82 14.73 29.41
C CYS A 296 -13.88 14.94 30.60
N VAL A 319 -9.72 14.35 32.28
CA VAL A 319 -9.62 15.10 31.02
C VAL A 319 -9.47 14.10 29.90
N GLN A 320 -10.59 13.67 29.29
CA GLN A 320 -10.53 12.62 28.28
C GLN A 320 -11.26 12.99 27.00
N LEU A 321 -10.55 12.97 25.85
CA LEU A 321 -11.16 13.25 24.54
C LEU A 321 -12.25 12.21 24.20
N LEU A 322 -13.49 12.66 23.91
CA LEU A 322 -14.56 11.73 23.55
C LEU A 322 -14.98 11.83 22.10
N TYR A 323 -15.04 13.06 21.58
CA TYR A 323 -15.50 13.33 20.21
C TYR A 323 -14.64 14.37 19.50
N TYR A 324 -14.57 14.27 18.18
CA TYR A 324 -13.86 15.26 17.37
C TYR A 324 -14.59 15.47 16.04
N VAL A 325 -14.31 16.58 15.35
CA VAL A 325 -14.87 16.96 14.03
C VAL A 325 -14.08 18.16 13.49
N ASN A 326 -13.73 18.12 12.20
CA ASN A 326 -12.94 19.20 11.60
C ASN A 326 -13.74 19.94 10.56
N LEU A 327 -13.39 21.20 10.37
CA LEU A 327 -14.07 22.00 9.38
C LEU A 327 -13.05 22.95 8.84
N LEU A 328 -12.86 22.93 7.52
CA LEU A 328 -11.87 23.76 6.84
C LEU A 328 -12.23 25.25 6.88
N LEU A 329 -11.40 26.09 7.50
CA LEU A 329 -11.66 27.54 7.55
C LEU A 329 -11.66 28.21 6.16
N ILE A 330 -10.82 27.75 5.23
CA ILE A 330 -10.82 28.29 3.87
C ILE A 330 -11.30 27.18 2.96
N ASP A 331 -12.41 27.41 2.25
CA ASP A 331 -13.04 26.40 1.42
C ASP A 331 -12.32 26.14 0.08
N HIS A 332 -12.80 25.11 -0.67
CA HIS A 332 -12.30 24.71 -1.98
C HIS A 332 -12.35 25.84 -3.05
N ARG A 333 -13.02 26.96 -2.76
CA ARG A 333 -13.04 28.10 -3.67
C ARG A 333 -12.21 29.27 -3.15
N PHE A 334 -11.27 29.02 -2.21
CA PHE A 334 -10.43 30.02 -1.56
C PHE A 334 -11.20 30.99 -0.63
N LEU A 335 -12.52 30.84 -0.50
CA LEU A 335 -13.33 31.71 0.33
C LEU A 335 -13.19 31.39 1.80
N LEU A 336 -13.29 32.43 2.67
CA LEU A 336 -13.30 32.17 4.10
C LEU A 336 -14.68 31.61 4.44
N ARG A 337 -14.69 30.53 5.18
CA ARG A 337 -15.91 29.86 5.56
C ARG A 337 -16.66 30.71 6.56
N ARG A 338 -17.92 30.96 6.30
CA ARG A 338 -18.78 31.71 7.21
C ARG A 338 -20.17 31.04 7.26
N GLY A 339 -20.99 31.41 8.23
CA GLY A 339 -22.33 30.85 8.34
C GLY A 339 -22.62 30.01 9.56
N GLU A 340 -23.70 29.26 9.50
CA GLU A 340 -24.11 28.38 10.59
C GLU A 340 -23.83 26.94 10.20
N TYR A 341 -23.23 26.15 11.13
CA TYR A 341 -22.93 24.75 10.82
C TYR A 341 -23.34 23.76 11.94
N VAL A 342 -24.03 22.65 11.58
CA VAL A 342 -24.39 21.60 12.55
C VAL A 342 -23.60 20.34 12.21
N LEU A 343 -22.50 20.13 12.96
CA LEU A 343 -21.51 19.10 12.70
C LEU A 343 -21.66 17.77 13.47
N HIS A 344 -21.83 16.68 12.73
CA HIS A 344 -21.93 15.34 13.28
C HIS A 344 -20.53 14.79 13.52
N MET A 345 -20.22 14.49 14.79
CA MET A 345 -18.88 14.15 15.24
C MET A 345 -18.57 12.69 15.33
N TRP A 346 -17.27 12.37 15.26
CA TRP A 346 -16.72 11.02 15.36
C TRP A 346 -16.40 10.70 16.81
N GLN A 347 -16.64 9.45 17.24
CA GLN A 347 -16.26 9.05 18.58
C GLN A 347 -14.87 8.43 18.60
N ILE A 348 -14.15 8.63 19.70
CA ILE A 348 -12.85 8.03 19.88
C ILE A 348 -13.09 6.55 20.26
N SER A 349 -12.31 5.62 19.64
CA SER A 349 -12.47 4.19 19.90
C SER A 349 -11.96 3.77 21.29
N GLY A 350 -12.83 3.10 22.05
CA GLY A 350 -12.50 2.61 23.39
C GLY A 350 -12.65 1.11 23.53
N PHE A 358 -0.76 10.53 15.11
CA PHE A 358 -1.39 9.36 15.71
C PHE A 358 -2.20 8.53 14.68
N ASN A 359 -3.44 8.96 14.33
CA ASN A 359 -4.30 8.28 13.36
C ASN A 359 -4.74 9.29 12.32
N ALA A 360 -4.58 8.96 11.03
CA ALA A 360 -4.94 9.81 9.88
C ALA A 360 -6.40 10.25 9.89
N ASP A 361 -7.27 9.37 10.41
CA ASP A 361 -8.70 9.55 10.58
C ASP A 361 -9.06 10.80 11.42
N LYS A 362 -8.12 11.25 12.25
CA LYS A 362 -8.28 12.44 13.07
C LYS A 362 -8.22 13.74 12.26
N LEU A 363 -7.69 13.70 11.04
CA LEU A 363 -7.58 14.90 10.21
C LEU A 363 -8.74 15.07 9.25
N THR A 364 -9.65 14.08 9.16
CA THR A 364 -10.70 14.06 8.17
C THR A 364 -11.61 15.26 8.22
N SER A 365 -11.91 15.79 7.04
CA SER A 365 -12.87 16.86 6.81
C SER A 365 -14.33 16.32 6.83
N ALA A 366 -14.53 15.06 6.48
CA ALA A 366 -15.81 14.42 6.47
C ALA A 366 -16.39 14.34 7.87
N THR A 367 -17.72 14.53 7.96
CA THR A 367 -18.54 14.48 9.17
C THR A 367 -19.12 13.09 9.35
N ASN A 368 -19.45 12.71 10.57
CA ASN A 368 -20.00 11.39 10.84
C ASN A 368 -21.33 11.18 10.14
N PRO A 369 -21.43 10.17 9.27
CA PRO A 369 -22.70 9.93 8.58
C PRO A 369 -23.80 9.38 9.50
N ASP A 370 -23.43 8.68 10.57
CA ASP A 370 -24.39 8.14 11.53
C ASP A 370 -24.92 9.29 12.39
N LYS A 371 -26.02 9.89 11.97
CA LYS A 371 -26.62 11.02 12.68
C LYS A 371 -27.39 10.56 13.95
N GLU A 372 -28.04 9.37 13.86
CA GLU A 372 -28.84 8.72 14.89
C GLU A 372 -28.11 8.53 16.21
N ASN A 373 -26.83 8.15 16.16
CA ASN A 373 -26.04 7.81 17.34
C ASN A 373 -24.88 8.74 17.64
N SER A 374 -24.65 9.78 16.83
CA SER A 374 -23.50 10.65 17.08
C SER A 374 -23.83 11.98 17.78
N MET A 375 -22.85 12.46 18.53
CA MET A 375 -22.87 13.72 19.21
C MET A 375 -22.76 14.78 18.11
N SER A 376 -23.55 15.84 18.23
CA SER A 376 -23.51 16.92 17.26
C SER A 376 -23.00 18.21 17.90
N ILE A 377 -22.37 19.08 17.13
CA ILE A 377 -21.92 20.37 17.65
C ILE A 377 -22.30 21.46 16.68
N SER A 378 -22.97 22.50 17.20
CA SER A 378 -23.41 23.60 16.36
C SER A 378 -22.57 24.80 16.61
N ILE A 379 -22.05 25.44 15.56
CA ILE A 379 -21.17 26.58 15.63
C ILE A 379 -21.61 27.77 14.73
N LEU A 380 -21.06 28.96 14.94
CA LEU A 380 -21.38 30.10 14.10
C LEU A 380 -20.15 30.92 13.72
N LEU A 381 -20.10 31.43 12.49
CA LEU A 381 -19.04 32.27 11.99
C LEU A 381 -19.56 33.31 11.02
N ASP A 382 -18.95 34.47 11.01
CA ASP A 382 -19.14 35.64 10.12
C ASP A 382 -18.18 36.58 10.81
N ASN A 383 -17.24 37.07 10.03
CA ASN A 383 -16.21 37.97 10.44
C ASN A 383 -16.29 39.25 9.66
N PRO A 387 -18.13 38.93 0.62
CA PRO A 387 -17.32 37.80 1.11
C PRO A 387 -15.83 38.10 1.16
N ILE A 388 -15.08 37.23 1.85
CA ILE A 388 -13.63 37.38 2.03
C ILE A 388 -12.96 36.22 1.29
N ALA A 389 -12.05 36.53 0.37
CA ALA A 389 -11.38 35.49 -0.39
C ALA A 389 -9.87 35.52 -0.23
N LEU A 390 -9.22 34.36 -0.45
CA LEU A 390 -7.78 34.26 -0.32
C LEU A 390 -7.11 34.49 -1.67
N PRO A 391 -6.22 35.48 -1.73
CA PRO A 391 -5.51 35.74 -3.00
C PRO A 391 -4.50 34.63 -3.34
N LYS A 392 -4.15 34.47 -4.62
CA LYS A 392 -3.20 33.42 -5.01
C LYS A 392 -1.78 33.98 -5.23
N GLU A 407 28.46 35.36 3.59
CA GLU A 407 27.36 34.54 3.13
C GLU A 407 27.51 33.15 3.75
N MET A 408 27.19 33.08 5.03
CA MET A 408 27.24 31.89 5.90
C MET A 408 28.64 31.37 6.26
N PRO A 409 28.97 31.41 7.55
CA PRO A 409 30.26 30.95 8.10
C PRO A 409 30.33 29.45 8.11
N ASN A 410 31.53 28.90 8.19
CA ASN A 410 31.68 27.45 8.19
C ASN A 410 31.01 26.77 9.38
N GLN A 411 31.04 27.42 10.53
CA GLN A 411 30.41 26.83 11.71
C GLN A 411 28.93 26.56 11.47
N LEU A 412 28.15 27.61 11.21
CA LEU A 412 26.72 27.47 10.98
C LEU A 412 26.43 26.55 9.84
N ARG A 413 27.30 26.53 8.81
CA ARG A 413 27.16 25.60 7.69
C ARG A 413 27.27 24.16 8.20
N LYS A 414 28.24 23.91 9.10
CA LYS A 414 28.42 22.59 9.72
C LYS A 414 27.23 22.15 10.59
N GLN A 415 26.50 23.12 11.17
CA GLN A 415 25.32 22.83 12.01
C GLN A 415 24.10 22.53 11.12
N LEU A 416 23.94 23.34 10.08
CA LEU A 416 22.88 23.20 9.13
C LEU A 416 23.05 21.89 8.37
N GLU A 417 24.29 21.46 8.08
CA GLU A 417 24.52 20.19 7.38
C GLU A 417 24.26 18.98 8.27
N ALA A 418 24.61 19.09 9.56
CA ALA A 418 24.36 18.04 10.53
C ALA A 418 22.83 17.78 10.65
N ILE A 419 22.04 18.88 10.64
CA ILE A 419 20.58 18.87 10.72
C ILE A 419 19.96 18.19 9.50
N ILE A 420 20.41 18.54 8.29
CA ILE A 420 19.97 17.95 7.02
C ILE A 420 20.27 16.44 6.96
N ALA A 421 21.41 16.02 7.56
CA ALA A 421 21.81 14.62 7.61
C ALA A 421 20.84 13.74 8.40
N THR A 422 20.39 14.18 9.59
CA THR A 422 19.47 13.43 10.45
C THR A 422 18.29 12.81 9.71
N ASP A 423 17.84 11.66 10.23
CA ASP A 423 16.73 10.89 9.69
C ASP A 423 15.39 11.67 9.74
N PRO A 424 14.33 11.22 9.03
CA PRO A 424 13.06 11.96 9.03
C PRO A 424 12.41 12.11 10.41
N LEU A 425 12.52 11.07 11.23
CA LEU A 425 11.93 11.05 12.56
C LEU A 425 12.77 11.77 13.62
N ASN A 426 13.93 12.36 13.25
CA ASN A 426 14.71 13.11 14.24
C ASN A 426 13.97 14.43 14.41
N PRO A 427 13.63 14.77 15.67
CA PRO A 427 12.83 15.97 15.91
C PRO A 427 13.64 17.25 15.88
N LEU A 428 13.03 18.28 15.29
CA LEU A 428 13.67 19.57 15.19
C LEU A 428 13.26 20.44 16.37
N THR A 429 14.18 21.24 16.81
CA THR A 429 13.99 22.14 17.91
C THR A 429 13.83 23.55 17.36
N ALA A 430 13.43 24.51 18.19
CA ALA A 430 13.29 25.90 17.74
C ALA A 430 14.60 26.48 17.23
N GLU A 431 15.73 26.01 17.79
CA GLU A 431 17.09 26.40 17.43
C GLU A 431 17.36 25.94 15.99
N ASP A 432 17.02 24.66 15.69
CA ASP A 432 17.17 24.03 14.39
C ASP A 432 16.27 24.70 13.37
N LYS A 433 14.96 24.81 13.68
CA LYS A 433 13.96 25.44 12.84
C LYS A 433 14.35 26.88 12.48
N GLU A 434 14.81 27.67 13.46
CA GLU A 434 15.23 29.06 13.28
C GLU A 434 16.44 29.15 12.36
N LEU A 435 17.42 28.22 12.52
CA LEU A 435 18.64 28.19 11.71
C LEU A 435 18.32 27.85 10.24
N LEU A 436 17.38 26.89 10.01
CA LEU A 436 16.94 26.50 8.65
C LEU A 436 16.24 27.65 7.95
N TRP A 437 15.46 28.44 8.68
CA TRP A 437 14.73 29.55 8.11
C TRP A 437 15.63 30.73 7.74
N HIS A 438 16.45 31.20 8.67
CA HIS A 438 17.36 32.30 8.41
C HIS A 438 18.31 31.99 7.23
N PHE A 439 18.77 30.74 7.14
CA PHE A 439 19.62 30.32 6.02
C PHE A 439 18.79 29.46 5.03
N ARG A 440 17.54 29.91 4.72
CA ARG A 440 16.63 29.21 3.81
C ARG A 440 17.15 29.11 2.39
N TYR A 441 17.85 30.14 1.91
CA TYR A 441 18.42 30.10 0.56
C TYR A 441 19.59 29.12 0.45
N GLU A 442 20.26 28.85 1.58
CA GLU A 442 21.32 27.87 1.60
C GLU A 442 20.72 26.49 1.63
N SER A 443 19.64 26.30 2.42
CA SER A 443 18.87 25.06 2.64
C SER A 443 18.15 24.58 1.38
N LEU A 444 17.72 25.53 0.54
CA LEU A 444 17.06 25.24 -0.73
C LEU A 444 18.03 24.55 -1.71
N LYS A 445 19.34 24.82 -1.56
CA LYS A 445 20.39 24.24 -2.39
C LYS A 445 20.58 22.73 -2.14
N HIS A 446 20.11 22.21 -1.01
CA HIS A 446 20.22 20.78 -0.72
C HIS A 446 18.80 20.24 -0.72
N PRO A 447 18.44 19.31 -1.62
CA PRO A 447 17.06 18.80 -1.65
C PRO A 447 16.65 17.95 -0.47
N LYS A 448 17.61 17.22 0.14
CA LYS A 448 17.30 16.42 1.32
C LYS A 448 16.84 17.27 2.53
N ALA A 449 17.11 18.57 2.49
CA ALA A 449 16.70 19.52 3.52
C ALA A 449 15.32 20.10 3.25
N TYR A 450 14.56 19.58 2.29
CA TYR A 450 13.25 20.15 2.00
C TYR A 450 12.23 19.84 3.10
N PRO A 451 12.08 18.57 3.55
CA PRO A 451 11.12 18.30 4.62
C PRO A 451 11.37 19.05 5.93
N LYS A 452 12.64 19.35 6.24
CA LYS A 452 12.99 20.09 7.46
C LYS A 452 12.83 21.61 7.28
N LEU A 453 13.11 22.13 6.08
CA LEU A 453 12.97 23.54 5.78
C LEU A 453 11.49 23.92 5.84
N PHE A 454 10.63 23.10 5.24
CA PHE A 454 9.20 23.40 5.24
C PHE A 454 8.54 23.04 6.57
N SER A 455 9.13 22.09 7.34
CA SER A 455 8.68 21.79 8.70
C SER A 455 8.99 22.93 9.69
N SER A 456 9.81 23.92 9.29
CA SER A 456 10.19 25.04 10.16
C SER A 456 9.63 26.39 9.66
N VAL A 457 8.45 26.37 9.04
CA VAL A 457 7.83 27.59 8.51
C VAL A 457 6.72 28.02 9.43
N LYS A 458 6.61 29.33 9.75
CA LYS A 458 5.51 29.83 10.55
C LYS A 458 4.32 29.90 9.61
N TRP A 459 3.47 28.87 9.61
CA TRP A 459 2.31 28.84 8.70
C TRP A 459 1.19 29.80 9.13
N GLY A 460 1.15 30.17 10.42
CA GLY A 460 0.15 31.11 10.90
C GLY A 460 0.56 32.56 10.71
N GLN A 461 1.53 32.84 9.80
CA GLN A 461 2.01 34.19 9.48
C GLN A 461 1.97 34.38 7.98
N GLN A 462 1.01 35.20 7.46
CA GLN A 462 0.88 35.47 6.03
C GLN A 462 2.23 35.89 5.38
N GLU A 463 2.89 36.83 6.02
CA GLU A 463 4.17 37.41 5.65
C GLU A 463 5.24 36.33 5.40
N ILE A 464 5.32 35.33 6.29
CA ILE A 464 6.28 34.24 6.18
C ILE A 464 5.87 33.28 5.07
N VAL A 465 4.60 32.88 4.98
CA VAL A 465 4.14 31.99 3.90
C VAL A 465 4.40 32.64 2.51
N ALA A 466 4.29 33.97 2.43
CA ALA A 466 4.56 34.69 1.21
C ALA A 466 6.03 34.59 0.86
N LYS A 467 6.95 34.61 1.87
CA LYS A 467 8.38 34.44 1.64
C LYS A 467 8.65 33.03 1.16
N THR A 468 7.98 32.02 1.79
CA THR A 468 8.07 30.60 1.45
C THR A 468 7.68 30.35 0.00
N TYR A 469 6.68 31.07 -0.50
CA TYR A 469 6.24 30.90 -1.88
C TYR A 469 7.20 31.52 -2.86
N GLN A 470 7.84 32.65 -2.49
CA GLN A 470 8.89 33.23 -3.32
C GLN A 470 10.10 32.28 -3.32
N LEU A 471 10.40 31.68 -2.17
CA LEU A 471 11.51 30.75 -1.99
C LEU A 471 11.29 29.51 -2.85
N LEU A 472 10.05 29.02 -2.92
CA LEU A 472 9.68 27.86 -3.72
C LEU A 472 9.83 28.13 -5.22
N ALA A 473 9.75 29.38 -5.66
CA ALA A 473 9.90 29.71 -7.08
C ALA A 473 11.33 29.51 -7.59
N ARG A 474 12.34 29.61 -6.71
CA ARG A 474 13.78 29.40 -6.99
C ARG A 474 14.07 27.87 -7.01
N ARG A 475 13.18 27.09 -7.60
CA ARG A 475 13.26 25.64 -7.61
C ARG A 475 14.27 25.02 -8.57
N GLU A 476 15.36 25.73 -8.91
CA GLU A 476 16.35 25.17 -9.84
C GLU A 476 16.95 23.87 -9.34
N VAL A 477 17.35 23.82 -8.06
CA VAL A 477 17.92 22.58 -7.51
C VAL A 477 16.90 21.44 -7.53
N TRP A 478 15.67 21.70 -6.98
CA TRP A 478 14.60 20.70 -6.93
C TRP A 478 14.29 20.07 -8.28
N ASP A 479 13.91 20.87 -9.30
CA ASP A 479 13.59 20.35 -10.62
C ASP A 479 14.71 19.50 -11.22
N GLN A 480 15.93 20.01 -11.19
CA GLN A 480 17.09 19.32 -11.78
C GLN A 480 17.44 18.00 -11.13
N SER A 481 17.32 17.94 -9.79
CA SER A 481 17.69 16.81 -8.93
C SER A 481 17.14 15.45 -9.36
N ALA A 482 17.88 14.39 -9.01
CA ALA A 482 17.45 13.03 -9.27
C ALA A 482 16.29 12.72 -8.32
N LEU A 483 15.32 11.95 -8.82
CA LEU A 483 14.15 11.59 -8.04
C LEU A 483 14.50 10.70 -6.86
N ASP A 484 14.23 11.20 -5.63
CA ASP A 484 14.39 10.41 -4.41
C ASP A 484 12.99 10.21 -3.97
N VAL A 485 12.47 9.01 -4.17
CA VAL A 485 11.08 8.69 -3.83
C VAL A 485 10.89 8.78 -2.32
N GLY A 486 11.87 8.31 -1.54
CA GLY A 486 11.81 8.40 -0.09
C GLY A 486 11.68 9.82 0.42
N LEU A 487 12.35 10.75 -0.24
CA LEU A 487 12.30 12.18 0.09
C LEU A 487 11.02 12.79 -0.41
N THR A 488 10.56 12.39 -1.60
CA THR A 488 9.30 12.88 -2.15
C THR A 488 8.14 12.54 -1.22
N MET A 489 8.06 11.28 -0.77
CA MET A 489 7.03 10.79 0.11
C MET A 489 7.01 11.49 1.42
N GLN A 490 8.17 11.97 1.96
CA GLN A 490 8.14 12.70 3.24
C GLN A 490 7.30 13.94 3.13
N LEU A 491 7.40 14.64 1.99
CA LEU A 491 6.62 15.83 1.69
C LEU A 491 5.13 15.56 1.45
N LEU A 492 4.73 14.30 1.29
CA LEU A 492 3.33 13.95 1.11
C LEU A 492 2.68 13.37 2.39
N ASP A 493 3.39 13.39 3.55
CA ASP A 493 2.83 12.81 4.77
C ASP A 493 1.99 13.84 5.57
N CYS A 494 1.54 13.47 6.76
CA CYS A 494 0.68 14.23 7.67
C CYS A 494 1.24 15.58 8.10
N ASN A 495 2.57 15.71 8.08
CA ASN A 495 3.25 16.93 8.48
C ASN A 495 3.20 18.06 7.44
N PHE A 496 2.52 17.84 6.30
CA PHE A 496 2.47 18.84 5.25
C PHE A 496 1.08 19.02 4.70
N SER A 497 0.45 20.14 4.99
CA SER A 497 -0.85 20.51 4.44
C SER A 497 -0.71 21.52 3.29
N ASP A 498 0.51 22.02 3.02
CA ASP A 498 0.67 23.04 2.02
C ASP A 498 0.50 22.51 0.62
N GLU A 499 -0.47 23.08 -0.10
CA GLU A 499 -0.74 22.66 -1.47
C GLU A 499 0.46 22.82 -2.37
N ASN A 500 1.21 23.91 -2.19
CA ASN A 500 2.39 24.17 -3.00
C ASN A 500 3.57 23.30 -2.63
N VAL A 501 3.72 23.00 -1.34
CA VAL A 501 4.79 22.13 -0.87
C VAL A 501 4.54 20.73 -1.37
N ARG A 502 3.31 20.23 -1.21
CA ARG A 502 2.91 18.88 -1.62
C ARG A 502 2.96 18.68 -3.11
N ALA A 503 2.70 19.76 -3.90
CA ALA A 503 2.67 19.73 -5.36
C ALA A 503 4.03 19.60 -6.02
N ILE A 504 5.07 20.18 -5.43
CA ILE A 504 6.43 20.03 -5.96
C ILE A 504 6.85 18.56 -5.85
N ALA A 505 6.31 17.82 -4.83
CA ALA A 505 6.56 16.41 -4.57
C ALA A 505 5.86 15.59 -5.60
N VAL A 506 4.59 15.92 -5.95
CA VAL A 506 3.88 15.22 -7.03
C VAL A 506 4.57 15.46 -8.39
N GLN A 507 5.17 16.65 -8.58
CA GLN A 507 5.91 16.98 -9.76
C GLN A 507 7.10 16.02 -9.93
N LYS A 508 7.73 15.60 -8.83
CA LYS A 508 8.81 14.60 -8.86
C LYS A 508 8.28 13.19 -9.13
N LEU A 509 7.04 12.91 -8.69
CA LEU A 509 6.43 11.61 -8.93
C LEU A 509 6.07 11.40 -10.37
N GLU A 510 5.83 12.48 -11.13
CA GLU A 510 5.56 12.33 -12.56
C GLU A 510 6.74 11.67 -13.30
N SER A 511 7.93 11.57 -12.68
CA SER A 511 9.11 10.95 -13.29
C SER A 511 9.13 9.43 -13.16
N LEU A 512 8.31 8.87 -12.26
CA LEU A 512 8.25 7.44 -12.03
C LEU A 512 7.62 6.77 -13.21
N GLU A 513 8.23 5.69 -13.67
CA GLU A 513 7.62 4.92 -14.74
C GLU A 513 6.55 4.00 -14.11
N ASP A 514 5.65 3.43 -14.93
CA ASP A 514 4.57 2.54 -14.45
C ASP A 514 5.05 1.51 -13.46
N ASP A 515 6.19 0.90 -13.76
CA ASP A 515 6.80 -0.10 -12.91
C ASP A 515 6.98 0.33 -11.44
N ASP A 516 7.43 1.55 -11.23
CA ASP A 516 7.64 2.08 -9.88
C ASP A 516 6.34 2.62 -9.31
N VAL A 517 5.48 3.22 -10.16
CA VAL A 517 4.17 3.69 -9.72
C VAL A 517 3.36 2.54 -9.10
N LEU A 518 3.61 1.29 -9.53
CA LEU A 518 2.97 0.14 -8.92
C LEU A 518 3.56 -0.18 -7.53
N HIS A 519 4.88 -0.08 -7.37
CA HIS A 519 5.50 -0.37 -6.07
C HIS A 519 5.01 0.57 -4.98
N TYR A 520 4.85 1.85 -5.31
CA TYR A 520 4.49 2.83 -4.32
C TYR A 520 3.02 3.16 -4.27
N LEU A 521 2.19 2.55 -5.14
CA LEU A 521 0.77 2.80 -5.26
C LEU A 521 0.00 2.72 -3.94
N LEU A 522 0.08 1.62 -3.20
CA LEU A 522 -0.62 1.46 -1.90
C LEU A 522 -0.38 2.68 -1.00
N GLN A 523 0.90 3.13 -0.89
CA GLN A 523 1.33 4.27 -0.07
C GLN A 523 0.93 5.58 -0.63
N LEU A 524 1.04 5.77 -1.93
CA LEU A 524 0.56 7.01 -2.56
C LEU A 524 -0.98 7.15 -2.35
N VAL A 525 -1.70 6.02 -2.35
CA VAL A 525 -3.14 5.98 -2.13
C VAL A 525 -3.44 6.44 -0.70
N GLN A 526 -2.78 5.85 0.32
CA GLN A 526 -3.04 6.28 1.70
C GLN A 526 -2.64 7.76 1.90
N ALA A 527 -1.63 8.27 1.18
CA ALA A 527 -1.19 9.67 1.32
C ALA A 527 -2.29 10.69 0.97
N VAL A 528 -3.31 10.25 0.23
CA VAL A 528 -4.49 11.04 -0.11
C VAL A 528 -5.25 11.43 1.18
N LYS A 529 -5.16 10.59 2.23
CA LYS A 529 -5.76 10.87 3.54
C LYS A 529 -5.19 12.13 4.19
N PHE A 530 -3.96 12.47 3.89
CA PHE A 530 -3.30 13.64 4.44
C PHE A 530 -3.50 14.91 3.61
N GLU A 531 -4.21 14.83 2.48
CA GLU A 531 -4.43 16.01 1.66
C GLU A 531 -5.59 16.82 2.23
N PRO A 532 -5.40 18.13 2.50
CA PRO A 532 -6.49 18.92 3.10
C PRO A 532 -7.78 18.89 2.33
N TYR A 533 -7.71 18.98 0.98
CA TYR A 533 -8.88 19.05 0.08
C TYR A 533 -9.13 17.75 -0.75
N HIS A 534 -10.39 17.54 -1.23
CA HIS A 534 -10.71 16.33 -1.99
C HIS A 534 -10.00 16.31 -3.32
N ASP A 535 -10.16 17.36 -4.15
CA ASP A 535 -9.42 17.45 -5.42
C ASP A 535 -8.00 17.91 -5.08
N SER A 536 -6.98 17.18 -5.54
CA SER A 536 -5.60 17.52 -5.20
C SER A 536 -4.64 17.10 -6.30
N ALA A 537 -3.40 17.58 -6.26
CA ALA A 537 -2.37 17.22 -7.24
C ALA A 537 -2.11 15.73 -7.23
N LEU A 538 -2.14 15.12 -6.03
CA LEU A 538 -1.89 13.70 -5.81
C LEU A 538 -3.04 12.91 -6.32
N ALA A 539 -4.27 13.27 -5.95
CA ALA A 539 -5.45 12.57 -6.43
C ALA A 539 -5.47 12.54 -7.98
N ARG A 540 -5.35 13.73 -8.62
CA ARG A 540 -5.24 13.87 -10.06
C ARG A 540 -4.06 13.07 -10.65
N PHE A 541 -2.97 12.87 -9.88
CA PHE A 541 -1.83 12.09 -10.31
C PHE A 541 -2.17 10.61 -10.35
N LEU A 542 -2.77 10.09 -9.28
CA LEU A 542 -3.16 8.68 -9.22
C LEU A 542 -4.19 8.37 -10.29
N LEU A 543 -5.14 9.29 -10.51
CA LEU A 543 -6.18 9.10 -11.51
C LEU A 543 -5.58 8.93 -12.92
N LYS A 544 -4.76 9.90 -13.40
CA LYS A 544 -4.18 9.91 -14.74
C LYS A 544 -3.23 8.69 -15.01
N ARG A 545 -2.59 8.14 -13.97
CA ARG A 545 -1.71 6.98 -14.12
C ARG A 545 -2.52 5.68 -14.17
N GLY A 546 -3.62 5.63 -13.43
CA GLY A 546 -4.49 4.46 -13.43
C GLY A 546 -5.19 4.34 -14.76
N LEU A 547 -5.63 5.48 -15.29
CA LEU A 547 -6.26 5.63 -16.60
C LEU A 547 -5.28 5.42 -17.74
N ARG A 548 -3.99 5.59 -17.50
CA ARG A 548 -2.96 5.42 -18.50
C ARG A 548 -2.55 3.97 -18.64
N ASN A 549 -2.55 3.22 -17.54
CA ASN A 549 -2.12 1.83 -17.56
C ASN A 549 -3.18 0.97 -16.91
N LYS A 550 -3.61 -0.10 -17.57
CA LYS A 550 -4.64 -1.01 -17.05
C LYS A 550 -4.17 -1.78 -15.82
N ARG A 551 -2.86 -2.05 -15.70
CA ARG A 551 -2.35 -2.75 -14.51
C ARG A 551 -2.41 -1.83 -13.32
N ILE A 552 -2.01 -0.56 -13.48
CA ILE A 552 -2.12 0.42 -12.40
C ILE A 552 -3.61 0.65 -12.09
N GLY A 553 -4.43 0.81 -13.10
CA GLY A 553 -5.87 0.96 -12.93
C GLY A 553 -6.52 -0.16 -12.14
N HIS A 554 -6.25 -1.41 -12.50
CA HIS A 554 -6.78 -2.58 -11.75
C HIS A 554 -6.46 -2.48 -10.23
N PHE A 555 -5.18 -2.25 -9.91
CA PHE A 555 -4.73 -2.15 -8.53
C PHE A 555 -5.30 -0.92 -7.83
N LEU A 556 -5.36 0.21 -8.54
CA LEU A 556 -5.95 1.45 -8.03
C LEU A 556 -7.36 1.19 -7.53
N PHE A 557 -8.18 0.51 -8.37
CA PHE A 557 -9.55 0.11 -8.07
C PHE A 557 -9.63 -0.65 -6.78
N TRP A 558 -8.79 -1.66 -6.60
CA TRP A 558 -8.87 -2.50 -5.41
C TRP A 558 -8.44 -1.80 -4.14
N PHE A 559 -7.51 -0.86 -4.26
CA PHE A 559 -7.04 -0.12 -3.11
C PHE A 559 -8.04 0.92 -2.72
N LEU A 560 -8.70 1.58 -3.68
CA LEU A 560 -9.69 2.58 -3.36
C LEU A 560 -10.96 1.88 -2.84
N ARG A 561 -11.43 0.83 -3.54
CA ARG A 561 -12.57 0.04 -3.12
C ARG A 561 -12.36 -0.54 -1.72
N SER A 562 -11.12 -0.81 -1.33
CA SER A 562 -10.75 -1.31 -0.01
C SER A 562 -11.02 -0.23 1.05
N GLU A 563 -10.41 0.98 0.92
CA GLU A 563 -10.59 2.05 1.92
C GLU A 563 -12.02 2.49 2.02
N ILE A 564 -12.74 2.53 0.89
CA ILE A 564 -14.15 2.91 0.89
C ILE A 564 -15.00 1.90 1.72
N ALA A 565 -14.68 0.61 1.64
CA ALA A 565 -15.41 -0.45 2.33
C ALA A 565 -15.06 -0.65 3.79
N GLN A 566 -14.16 0.15 4.35
CA GLN A 566 -13.81 0.01 5.76
C GLN A 566 -13.36 1.31 6.43
N SER A 567 -13.60 2.46 5.78
CA SER A 567 -13.23 3.77 6.31
C SER A 567 -14.37 4.70 6.08
N ARG A 568 -15.15 4.97 7.11
CA ARG A 568 -16.23 5.95 7.01
C ARG A 568 -15.64 7.38 6.99
N HIS A 569 -14.43 7.59 7.57
CA HIS A 569 -13.78 8.91 7.57
C HIS A 569 -13.36 9.38 6.21
N TYR A 570 -13.11 8.45 5.26
CA TYR A 570 -12.57 8.80 3.94
C TYR A 570 -13.29 8.18 2.74
N GLN A 571 -14.37 7.41 2.96
CA GLN A 571 -15.08 6.80 1.85
C GLN A 571 -15.64 7.83 0.88
N GLN A 572 -16.08 9.01 1.37
CA GLN A 572 -16.60 10.09 0.52
C GLN A 572 -15.50 10.52 -0.47
N ARG A 573 -14.32 10.93 0.04
CA ARG A 573 -13.22 11.32 -0.83
C ARG A 573 -12.80 10.23 -1.82
N PHE A 574 -12.43 9.03 -1.31
CA PHE A 574 -11.97 7.94 -2.16
C PHE A 574 -13.01 7.50 -3.22
N ALA A 575 -14.33 7.58 -2.93
CA ALA A 575 -15.36 7.21 -3.93
C ALA A 575 -15.48 8.26 -5.01
N VAL A 576 -15.31 9.54 -4.65
CA VAL A 576 -15.33 10.62 -5.62
C VAL A 576 -14.11 10.47 -6.61
N ILE A 577 -13.01 9.80 -6.18
CA ILE A 577 -11.84 9.51 -7.00
C ILE A 577 -12.06 8.19 -7.78
N LEU A 578 -12.72 7.21 -7.17
CA LEU A 578 -12.97 5.95 -7.86
C LEU A 578 -14.00 6.13 -8.96
N GLU A 579 -14.99 7.00 -8.76
CA GLU A 579 -15.97 7.27 -9.81
C GLU A 579 -15.25 7.94 -11.00
N ALA A 580 -14.41 8.94 -10.69
CA ALA A 580 -13.59 9.67 -11.64
C ALA A 580 -12.71 8.71 -12.45
N TYR A 581 -12.27 7.58 -11.85
CA TYR A 581 -11.47 6.61 -12.57
C TYR A 581 -12.39 5.74 -13.45
N LEU A 582 -13.39 5.08 -12.83
CA LEU A 582 -14.31 4.15 -13.48
C LEU A 582 -14.99 4.72 -14.72
N ARG A 583 -15.10 6.05 -14.78
CA ARG A 583 -15.64 6.78 -15.90
C ARG A 583 -14.59 7.02 -17.01
N GLY A 584 -13.46 6.34 -16.99
CA GLY A 584 -12.43 6.51 -17.99
C GLY A 584 -11.68 5.23 -18.34
N CYS A 585 -11.84 4.17 -17.52
CA CYS A 585 -11.14 2.90 -17.78
C CYS A 585 -11.59 2.18 -19.05
N GLY A 586 -12.82 2.46 -19.49
CA GLY A 586 -13.35 1.82 -20.68
C GLY A 586 -14.13 0.56 -20.38
N THR A 587 -15.24 0.36 -21.13
CA THR A 587 -16.21 -0.73 -21.09
C THR A 587 -15.65 -2.10 -20.68
N ALA A 588 -14.55 -2.55 -21.32
CA ALA A 588 -13.96 -3.85 -20.99
C ALA A 588 -13.56 -3.95 -19.52
N MET A 589 -12.91 -2.91 -18.98
CA MET A 589 -12.52 -2.92 -17.57
C MET A 589 -13.75 -2.89 -16.69
N LEU A 590 -14.69 -1.97 -16.96
CA LEU A 590 -15.95 -1.86 -16.25
C LEU A 590 -16.77 -3.16 -16.22
N HIS A 591 -16.49 -4.09 -17.14
CA HIS A 591 -17.16 -5.38 -17.16
C HIS A 591 -16.42 -6.38 -16.26
N ASP A 592 -15.08 -6.39 -16.33
CA ASP A 592 -14.25 -7.28 -15.53
C ASP A 592 -14.37 -6.99 -14.06
N PHE A 593 -14.44 -5.69 -13.70
CA PHE A 593 -14.61 -5.25 -12.32
C PHE A 593 -15.95 -5.72 -11.79
N THR A 594 -17.01 -5.69 -12.62
CA THR A 594 -18.34 -6.13 -12.19
C THR A 594 -18.35 -7.63 -11.86
N GLN A 595 -17.67 -8.42 -12.70
CA GLN A 595 -17.57 -9.85 -12.47
C GLN A 595 -16.71 -10.13 -11.23
N GLN A 596 -15.67 -9.32 -10.99
CA GLN A 596 -14.79 -9.53 -9.85
C GLN A 596 -15.54 -9.20 -8.60
N VAL A 597 -16.15 -7.99 -8.54
CA VAL A 597 -16.88 -7.49 -7.38
C VAL A 597 -17.97 -8.46 -7.01
N GLN A 598 -18.72 -8.94 -8.00
CA GLN A 598 -19.78 -9.91 -7.78
C GLN A 598 -19.29 -11.19 -7.10
N VAL A 599 -18.20 -11.83 -7.60
CA VAL A 599 -17.59 -13.04 -7.03
C VAL A 599 -17.15 -12.83 -5.59
N ILE A 600 -16.44 -11.71 -5.33
CA ILE A 600 -15.94 -11.39 -4.00
C ILE A 600 -17.08 -11.22 -3.05
N GLU A 601 -18.09 -10.46 -3.44
CA GLU A 601 -19.29 -10.29 -2.61
C GLU A 601 -19.95 -11.65 -2.21
N MET A 602 -20.21 -12.56 -3.18
CA MET A 602 -20.77 -13.87 -2.87
C MET A 602 -19.87 -14.66 -1.90
N LEU A 603 -18.58 -14.81 -2.22
CA LEU A 603 -17.68 -15.59 -1.39
C LEU A 603 -17.47 -15.02 -0.02
N GLN A 604 -17.55 -13.69 0.13
CA GLN A 604 -17.44 -13.07 1.45
C GLN A 604 -18.63 -13.49 2.34
N LYS A 605 -19.83 -13.61 1.73
CA LYS A 605 -21.05 -14.05 2.38
C LYS A 605 -20.85 -15.46 2.94
N VAL A 606 -20.30 -16.37 2.13
CA VAL A 606 -20.03 -17.76 2.49
C VAL A 606 -18.94 -17.88 3.57
N THR A 607 -17.96 -16.98 3.56
CA THR A 607 -16.87 -16.98 4.56
C THR A 607 -17.43 -16.61 5.94
N LEU A 608 -18.28 -15.58 5.97
CA LEU A 608 -18.95 -15.06 7.15
C LEU A 608 -20.01 -16.04 7.67
N ASP A 609 -20.63 -16.81 6.74
CA ASP A 609 -21.68 -17.80 7.03
C ASP A 609 -21.10 -19.10 7.58
N ILE A 610 -19.94 -19.49 7.08
CA ILE A 610 -19.22 -20.67 7.53
C ILE A 610 -18.56 -20.40 8.90
N LYS A 611 -18.12 -19.15 9.14
CA LYS A 611 -17.55 -18.77 10.42
C LYS A 611 -18.63 -18.86 11.47
N SER A 612 -19.86 -18.40 11.15
CA SER A 612 -21.02 -18.47 12.06
C SER A 612 -21.33 -19.92 12.43
N LEU A 613 -21.36 -20.81 11.43
CA LEU A 613 -21.66 -22.22 11.61
C LEU A 613 -20.64 -22.95 12.46
N SER A 614 -19.35 -22.86 12.15
CA SER A 614 -18.32 -23.51 12.94
C SER A 614 -17.95 -22.61 14.11
N ALA A 615 -18.27 -23.03 15.35
CA ALA A 615 -17.98 -22.27 16.57
C ALA A 615 -16.48 -22.00 16.79
N GLU A 616 -16.14 -20.97 17.60
CA GLU A 616 -14.75 -20.60 17.90
C GLU A 616 -14.01 -21.80 18.56
N LYS A 617 -14.53 -22.30 19.69
CA LYS A 617 -13.95 -23.46 20.38
C LYS A 617 -14.54 -24.70 19.72
N TYR A 618 -14.16 -24.94 18.45
CA TYR A 618 -14.67 -26.07 17.68
C TYR A 618 -13.78 -26.38 16.48
N ASP A 619 -13.52 -27.68 16.25
CA ASP A 619 -12.72 -28.14 15.11
C ASP A 619 -13.60 -28.22 13.81
N VAL A 620 -12.99 -28.54 12.66
CA VAL A 620 -13.77 -28.68 11.41
C VAL A 620 -14.52 -30.03 11.38
N SER A 621 -15.80 -30.00 11.74
CA SER A 621 -16.61 -31.21 11.78
C SER A 621 -17.18 -31.61 10.40
N SER A 622 -17.89 -32.74 10.33
CA SER A 622 -18.52 -33.20 9.11
C SER A 622 -19.66 -32.27 8.69
N GLN A 623 -20.30 -31.56 9.67
CA GLN A 623 -21.40 -30.62 9.43
C GLN A 623 -20.91 -29.36 8.73
N VAL A 624 -19.77 -28.83 9.16
CA VAL A 624 -19.24 -27.59 8.59
C VAL A 624 -18.65 -27.82 7.21
N ILE A 625 -18.12 -29.03 6.93
CA ILE A 625 -17.50 -29.28 5.63
C ILE A 625 -18.57 -29.52 4.57
N SER A 626 -19.62 -30.27 4.92
CA SER A 626 -20.71 -30.55 3.98
C SER A 626 -21.61 -29.35 3.75
N GLN A 627 -21.73 -28.46 4.75
CA GLN A 627 -22.51 -27.25 4.58
C GLN A 627 -21.80 -26.32 3.60
N LEU A 628 -20.44 -26.29 3.61
CA LEU A 628 -19.67 -25.48 2.66
C LEU A 628 -19.88 -25.97 1.23
N LYS A 629 -19.68 -27.28 0.97
CA LYS A 629 -19.88 -27.80 -0.38
C LYS A 629 -21.31 -27.57 -0.87
N GLN A 630 -22.30 -27.62 0.04
CA GLN A 630 -23.68 -27.31 -0.34
C GLN A 630 -23.84 -25.83 -0.69
N LYS A 631 -23.31 -24.92 0.14
CA LYS A 631 -23.41 -23.48 -0.11
C LYS A 631 -22.76 -23.11 -1.44
N LEU A 632 -21.61 -23.74 -1.75
CA LEU A 632 -20.82 -23.49 -2.95
C LEU A 632 -21.51 -24.01 -4.22
N GLU A 633 -22.26 -25.11 -4.13
CA GLU A 633 -22.96 -25.65 -5.29
C GLU A 633 -24.07 -24.70 -5.74
N ASN A 634 -24.76 -24.07 -4.80
CA ASN A 634 -25.84 -23.13 -5.11
C ASN A 634 -25.33 -21.85 -5.74
N LEU A 635 -24.08 -21.45 -5.41
CA LEU A 635 -23.50 -20.25 -5.99
C LEU A 635 -23.24 -20.50 -7.47
N GLN A 636 -22.49 -21.58 -7.78
CA GLN A 636 -22.10 -22.01 -9.13
C GLN A 636 -23.32 -22.20 -10.05
N ASN A 637 -24.35 -22.85 -9.51
CA ASN A 637 -25.56 -23.08 -10.26
C ASN A 637 -26.41 -21.83 -10.34
N SER A 638 -26.02 -20.97 -11.29
CA SER A 638 -26.65 -19.71 -11.71
C SER A 638 -26.48 -18.39 -10.96
N GLN A 639 -25.75 -18.34 -9.85
CA GLN A 639 -25.58 -17.05 -9.19
C GLN A 639 -24.18 -16.40 -9.27
N LEU A 640 -23.25 -17.03 -9.96
CA LEU A 640 -21.90 -16.48 -10.04
C LEU A 640 -21.34 -16.57 -11.44
N PRO A 641 -20.55 -15.58 -11.85
CA PRO A 641 -19.96 -15.52 -13.19
C PRO A 641 -19.12 -16.75 -13.53
N GLU A 642 -19.18 -17.15 -14.78
CA GLU A 642 -18.45 -18.30 -15.27
C GLU A 642 -16.97 -17.97 -15.33
N SER A 643 -16.65 -16.69 -15.27
CA SER A 643 -15.28 -16.23 -15.32
C SER A 643 -15.09 -14.90 -14.56
N PHE A 644 -13.83 -14.63 -14.13
CA PHE A 644 -13.44 -13.40 -13.43
C PHE A 644 -11.93 -13.27 -13.40
N ARG A 645 -11.36 -12.03 -13.47
CA ARG A 645 -9.90 -11.84 -13.34
C ARG A 645 -9.54 -11.95 -11.88
N VAL A 646 -8.40 -12.55 -11.56
CA VAL A 646 -7.98 -12.71 -10.18
C VAL A 646 -7.55 -11.36 -9.62
N PRO A 647 -8.20 -10.84 -8.55
CA PRO A 647 -7.84 -9.49 -8.06
C PRO A 647 -6.35 -9.26 -7.74
N TYR A 648 -5.67 -10.22 -7.13
CA TYR A 648 -4.26 -10.04 -6.81
C TYR A 648 -3.29 -10.29 -7.99
N ASP A 649 -3.77 -10.87 -9.08
CA ASP A 649 -2.97 -11.19 -10.26
C ASP A 649 -3.91 -11.10 -11.43
N PRO A 650 -4.05 -9.92 -12.03
CA PRO A 650 -5.07 -9.73 -13.06
C PRO A 650 -4.85 -10.46 -14.40
N GLY A 651 -3.59 -10.73 -14.75
CA GLY A 651 -3.29 -11.48 -15.97
C GLY A 651 -3.93 -12.86 -15.99
N LEU A 652 -4.25 -13.39 -14.83
CA LEU A 652 -4.87 -14.67 -14.64
C LEU A 652 -6.38 -14.56 -14.54
N LYS A 653 -7.13 -15.28 -15.39
CA LYS A 653 -8.59 -15.29 -15.31
C LYS A 653 -8.99 -16.64 -14.72
N ALA A 654 -9.74 -16.63 -13.61
CA ALA A 654 -10.18 -17.85 -12.98
C ALA A 654 -11.57 -18.15 -13.45
N GLY A 655 -11.90 -19.42 -13.49
CA GLY A 655 -13.21 -19.85 -13.98
C GLY A 655 -14.11 -20.54 -12.97
N ALA A 656 -14.51 -21.77 -13.31
CA ALA A 656 -15.44 -22.50 -12.46
C ALA A 656 -14.80 -23.02 -11.18
N LEU A 657 -15.60 -23.09 -10.13
CA LEU A 657 -15.17 -23.55 -8.81
C LEU A 657 -14.98 -25.08 -8.76
N ALA A 658 -13.76 -25.58 -8.50
CA ALA A 658 -13.54 -27.01 -8.33
C ALA A 658 -13.99 -27.34 -6.91
N ILE A 659 -15.33 -27.51 -6.70
CA ILE A 659 -16.05 -27.73 -5.43
C ILE A 659 -15.56 -28.98 -4.67
N GLU A 660 -15.02 -29.94 -5.38
CA GLU A 660 -14.48 -31.17 -4.78
C GLU A 660 -13.12 -30.92 -4.09
N LYS A 661 -12.45 -29.81 -4.43
CA LYS A 661 -11.16 -29.40 -3.89
C LYS A 661 -11.26 -28.28 -2.82
N CYS A 662 -12.42 -27.60 -2.72
CA CYS A 662 -12.62 -26.54 -1.75
C CYS A 662 -12.82 -27.12 -0.34
N LYS A 663 -12.44 -26.37 0.70
CA LYS A 663 -12.57 -26.82 2.09
C LYS A 663 -12.50 -25.65 3.10
N VAL A 664 -12.58 -25.93 4.40
CA VAL A 664 -12.43 -24.90 5.43
C VAL A 664 -11.13 -25.17 6.16
N MET A 665 -10.31 -24.13 6.35
CA MET A 665 -9.02 -24.29 7.01
C MET A 665 -9.15 -24.37 8.54
N ALA A 666 -8.25 -25.17 9.14
CA ALA A 666 -8.16 -25.48 10.56
C ALA A 666 -7.87 -24.29 11.50
N SER A 667 -7.57 -23.10 10.96
CA SER A 667 -7.32 -21.92 11.80
C SER A 667 -8.55 -21.53 12.68
N LYS A 668 -8.29 -20.73 13.75
CA LYS A 668 -9.34 -20.24 14.65
C LYS A 668 -10.32 -19.27 13.93
N LYS A 669 -9.85 -18.62 12.85
CA LYS A 669 -10.63 -17.71 12.02
C LYS A 669 -11.41 -18.41 10.88
N LYS A 670 -11.31 -19.77 10.79
CA LYS A 670 -11.97 -20.62 9.77
C LYS A 670 -11.98 -20.02 8.34
N PRO A 671 -10.78 -19.90 7.73
CA PRO A 671 -10.70 -19.37 6.36
C PRO A 671 -11.20 -20.36 5.32
N LEU A 672 -11.57 -19.87 4.11
CA LEU A 672 -12.03 -20.77 3.06
C LEU A 672 -10.93 -21.07 2.11
N TRP A 673 -10.59 -22.35 1.94
CA TRP A 673 -9.59 -22.74 0.96
C TRP A 673 -10.41 -23.03 -0.29
N LEU A 674 -10.21 -22.24 -1.34
CA LEU A 674 -10.96 -22.42 -2.58
C LEU A 674 -10.04 -22.67 -3.74
N GLU A 675 -10.49 -23.48 -4.68
CA GLU A 675 -9.77 -23.77 -5.90
C GLU A 675 -10.72 -23.56 -7.06
N PHE A 676 -10.24 -22.87 -8.08
CA PHE A 676 -11.02 -22.55 -9.27
C PHE A 676 -10.25 -23.10 -10.47
N LYS A 677 -10.94 -23.64 -11.46
CA LYS A 677 -10.33 -24.13 -12.69
C LYS A 677 -9.77 -22.93 -13.53
N CYS A 678 -8.63 -23.10 -14.24
CA CYS A 678 -8.06 -22.00 -15.02
C CYS A 678 -8.92 -21.73 -16.26
N ALA A 679 -9.22 -20.45 -16.56
CA ALA A 679 -10.12 -20.10 -17.66
C ALA A 679 -9.49 -19.96 -19.05
N ASP A 680 -8.21 -20.27 -19.16
CA ASP A 680 -7.57 -20.22 -20.47
C ASP A 680 -7.17 -21.63 -20.86
N PRO A 681 -7.51 -22.04 -22.09
CA PRO A 681 -7.19 -23.36 -22.66
C PRO A 681 -5.70 -23.43 -23.01
N THR A 682 -5.15 -22.28 -23.23
CA THR A 682 -3.77 -22.04 -23.58
C THR A 682 -2.86 -22.27 -22.41
N ASN A 686 -4.65 -29.33 -16.35
CA ASN A 686 -5.90 -28.91 -15.75
C ASN A 686 -5.64 -28.60 -14.28
N GLU A 687 -4.88 -27.55 -14.00
CA GLU A 687 -4.44 -27.20 -12.68
C GLU A 687 -5.01 -25.92 -12.40
N THR A 688 -5.49 -25.82 -11.18
CA THR A 688 -6.28 -24.70 -10.71
C THR A 688 -5.54 -23.56 -10.05
N ILE A 689 -6.31 -22.54 -9.74
CA ILE A 689 -5.91 -21.33 -9.04
C ILE A 689 -6.42 -21.53 -7.61
N GLY A 690 -5.55 -21.41 -6.62
CA GLY A 690 -5.94 -21.53 -5.22
C GLY A 690 -6.02 -20.15 -4.57
N ILE A 691 -7.16 -19.84 -3.92
CA ILE A 691 -7.36 -18.56 -3.24
C ILE A 691 -7.94 -18.80 -1.84
N ILE A 692 -7.45 -18.10 -0.82
CA ILE A 692 -7.95 -18.23 0.53
C ILE A 692 -8.74 -17.00 0.85
N PHE A 693 -9.98 -17.17 1.32
CA PHE A 693 -10.80 -16.06 1.75
C PHE A 693 -10.77 -16.06 3.27
N LYS A 694 -10.60 -14.90 3.92
CA LYS A 694 -10.51 -14.87 5.36
C LYS A 694 -11.08 -13.67 6.06
N HIS A 695 -12.02 -13.91 7.00
CA HIS A 695 -12.57 -12.87 7.88
C HIS A 695 -11.93 -13.02 9.28
N GLY A 696 -11.69 -11.90 9.95
CA GLY A 696 -11.12 -11.93 11.29
C GLY A 696 -9.82 -11.21 11.46
N ASP A 697 -8.94 -11.21 10.42
CA ASP A 697 -7.64 -10.51 10.53
C ASP A 697 -7.59 -9.24 9.70
N ASP A 698 -6.80 -8.24 10.13
CA ASP A 698 -6.66 -7.00 9.37
C ASP A 698 -5.66 -7.23 8.23
N LEU A 699 -6.19 -7.49 7.00
CA LEU A 699 -5.36 -7.74 5.81
C LEU A 699 -4.78 -6.48 5.20
N ARG A 700 -5.07 -5.30 5.74
CA ARG A 700 -4.41 -4.07 5.32
C ARG A 700 -2.95 -4.10 5.84
N GLN A 701 -2.73 -4.62 7.05
CA GLN A 701 -1.40 -4.78 7.61
C GLN A 701 -0.63 -5.84 6.78
N ASP A 702 -1.32 -6.90 6.32
CA ASP A 702 -0.74 -7.93 5.46
C ASP A 702 -0.28 -7.28 4.15
N MET A 703 -1.18 -6.52 3.47
CA MET A 703 -0.89 -5.80 2.21
C MET A 703 0.29 -4.82 2.35
N LEU A 704 0.33 -4.07 3.47
CA LEU A 704 1.36 -3.07 3.71
C LEU A 704 2.73 -3.70 3.94
N ILE A 705 2.80 -4.92 4.50
CA ILE A 705 4.11 -5.56 4.68
C ILE A 705 4.57 -6.18 3.37
N LEU A 706 3.63 -6.82 2.65
CA LEU A 706 3.92 -7.44 1.37
C LEU A 706 4.39 -6.43 0.35
N GLN A 707 3.90 -5.17 0.42
CA GLN A 707 4.34 -4.14 -0.50
C GLN A 707 5.79 -3.75 -0.21
N ILE A 708 6.15 -3.67 1.09
CA ILE A 708 7.48 -3.37 1.57
C ILE A 708 8.47 -4.46 1.19
N LEU A 709 8.03 -5.73 1.07
CA LEU A 709 8.93 -6.80 0.63
C LEU A 709 9.31 -6.66 -0.82
N ARG A 710 8.42 -6.13 -1.67
CA ARG A 710 8.74 -5.90 -3.08
C ARG A 710 9.70 -4.72 -3.18
N ILE A 711 9.50 -3.68 -2.36
CA ILE A 711 10.37 -2.51 -2.27
C ILE A 711 11.78 -2.96 -1.80
N MET A 712 11.85 -3.86 -0.80
CA MET A 712 13.12 -4.37 -0.30
C MET A 712 13.84 -5.18 -1.33
N GLU A 713 13.14 -6.08 -2.05
CA GLU A 713 13.82 -6.89 -3.08
C GLU A 713 14.18 -6.06 -4.32
N SER A 714 13.58 -4.86 -4.49
CA SER A 714 13.93 -3.93 -5.56
C SER A 714 15.24 -3.25 -5.14
N ILE A 715 15.32 -2.77 -3.87
CA ILE A 715 16.51 -2.15 -3.28
C ILE A 715 17.71 -3.09 -3.43
N TRP A 716 17.49 -4.39 -3.26
CA TRP A 716 18.54 -5.38 -3.41
C TRP A 716 18.91 -5.59 -4.89
N GLU A 717 17.91 -5.66 -5.80
CA GLU A 717 18.10 -5.84 -7.24
C GLU A 717 19.06 -4.79 -7.82
N THR A 718 18.94 -3.52 -7.34
CA THR A 718 19.80 -2.43 -7.77
C THR A 718 21.25 -2.66 -7.31
N GLU A 719 21.43 -3.22 -6.10
CA GLU A 719 22.76 -3.57 -5.59
C GLU A 719 23.24 -4.97 -6.10
N SER A 720 22.62 -5.47 -7.19
CA SER A 720 22.89 -6.75 -7.86
C SER A 720 22.70 -7.96 -6.96
N LEU A 721 21.76 -7.86 -6.01
CA LEU A 721 21.39 -8.91 -5.04
C LEU A 721 19.99 -9.43 -5.34
N ASP A 722 19.76 -10.73 -5.11
CA ASP A 722 18.48 -11.39 -5.30
C ASP A 722 18.29 -12.29 -4.11
N LEU A 723 17.32 -12.00 -3.24
CA LEU A 723 17.15 -12.83 -2.06
C LEU A 723 15.88 -13.68 -2.09
N CYS A 724 15.41 -14.04 -3.30
CA CYS A 724 14.27 -14.90 -3.61
C CYS A 724 13.09 -14.78 -2.63
N LEU A 725 12.67 -13.53 -2.29
CA LEU A 725 11.51 -13.36 -1.42
C LEU A 725 10.28 -13.74 -2.22
N LEU A 726 9.36 -14.50 -1.63
CA LEU A 726 8.16 -14.91 -2.34
C LEU A 726 7.02 -13.99 -1.96
N PRO A 727 6.78 -12.98 -2.81
CA PRO A 727 5.77 -11.99 -2.46
C PRO A 727 4.40 -12.41 -2.99
N TYR A 728 3.79 -13.36 -2.28
CA TYR A 728 2.48 -13.86 -2.64
C TYR A 728 1.44 -12.73 -2.70
N GLY A 729 0.41 -12.92 -3.53
CA GLY A 729 -0.66 -11.94 -3.69
C GLY A 729 -1.59 -11.96 -2.51
N CYS A 730 -2.20 -10.83 -2.22
CA CYS A 730 -3.12 -10.68 -1.11
C CYS A 730 -3.80 -9.34 -1.22
N ILE A 731 -5.14 -9.31 -1.34
CA ILE A 731 -5.83 -8.01 -1.35
C ILE A 731 -6.94 -7.91 -0.28
N SER A 732 -6.95 -6.79 0.44
CA SER A 732 -8.00 -6.53 1.43
C SER A 732 -9.25 -6.01 0.70
N THR A 733 -10.40 -6.57 1.06
CA THR A 733 -11.65 -6.23 0.37
C THR A 733 -12.69 -5.49 1.26
N GLY A 734 -12.48 -5.47 2.57
CA GLY A 734 -13.40 -4.81 3.47
C GLY A 734 -12.93 -4.87 4.91
N ASP A 735 -13.87 -4.91 5.89
CA ASP A 735 -13.47 -4.93 7.30
C ASP A 735 -13.10 -6.33 7.81
N LYS A 736 -11.79 -6.56 8.07
CA LYS A 736 -11.22 -7.84 8.53
C LYS A 736 -11.33 -8.99 7.50
N ILE A 737 -12.10 -8.78 6.43
CA ILE A 737 -12.32 -9.74 5.35
C ILE A 737 -11.39 -9.42 4.16
N GLY A 738 -10.99 -10.44 3.39
CA GLY A 738 -10.09 -10.26 2.25
C GLY A 738 -9.56 -11.55 1.65
N MET A 739 -8.69 -11.48 0.61
CA MET A 739 -8.18 -12.71 -0.04
C MET A 739 -6.62 -12.89 -0.01
N ILE A 740 -6.16 -14.14 -0.12
CA ILE A 740 -4.73 -14.52 -0.08
C ILE A 740 -4.42 -15.55 -1.21
N GLU A 741 -3.30 -15.41 -1.90
CA GLU A 741 -2.93 -16.33 -2.98
C GLU A 741 -2.41 -17.62 -2.40
N ILE A 742 -2.83 -18.77 -2.93
CA ILE A 742 -2.24 -20.06 -2.52
C ILE A 742 -1.05 -20.33 -3.46
N VAL A 743 0.15 -20.36 -2.88
CA VAL A 743 1.40 -20.63 -3.58
C VAL A 743 1.48 -22.13 -3.88
N LYS A 744 1.74 -22.51 -5.15
CA LYS A 744 1.81 -23.92 -5.54
C LYS A 744 2.87 -24.71 -4.78
N ASP A 745 2.49 -25.94 -4.39
CA ASP A 745 3.23 -26.99 -3.67
C ASP A 745 4.25 -26.46 -2.63
N ALA A 746 3.71 -25.72 -1.66
CA ALA A 746 4.38 -25.11 -0.53
C ALA A 746 3.81 -25.73 0.75
N THR A 747 4.63 -25.86 1.77
CA THR A 747 4.24 -26.48 3.03
C THR A 747 4.77 -25.67 4.22
N THR A 748 3.99 -25.62 5.29
CA THR A 748 4.34 -24.95 6.52
C THR A 748 5.58 -25.61 7.13
N ILE A 749 6.43 -24.85 7.81
CA ILE A 749 7.63 -25.39 8.44
C ILE A 749 7.26 -26.23 9.68
N ALA A 750 6.26 -25.76 10.44
CA ALA A 750 5.77 -26.49 11.60
C ALA A 750 5.13 -27.82 11.19
N LYS A 751 4.42 -27.83 10.07
CA LYS A 751 3.82 -29.06 9.57
C LYS A 751 4.88 -30.05 9.07
N ILE A 752 6.07 -29.57 8.66
CA ILE A 752 7.19 -30.41 8.20
C ILE A 752 7.80 -31.18 9.38
N GLN A 753 7.91 -30.51 10.54
CA GLN A 753 8.43 -31.15 11.75
C GLN A 753 7.36 -32.11 12.37
N GLN A 754 6.09 -31.76 12.26
CA GLN A 754 5.08 -32.62 12.78
C GLN A 754 4.69 -33.58 11.76
N SER A 755 5.73 -34.13 11.16
CA SER A 755 5.69 -35.17 10.20
C SER A 755 6.50 -36.32 10.77
N THR A 756 7.75 -36.04 11.16
CA THR A 756 8.63 -37.03 11.80
C THR A 756 8.03 -37.37 13.11
N VAL A 757 7.59 -36.38 13.83
CA VAL A 757 6.90 -36.67 15.03
C VAL A 757 5.83 -35.64 15.08
N GLY A 758 4.58 -35.95 15.36
CA GLY A 758 3.47 -34.99 15.36
C GLY A 758 3.28 -34.11 16.57
N ASN A 759 2.08 -33.57 16.84
CA ASN A 759 1.89 -32.54 17.88
C ASN A 759 2.61 -32.72 19.17
N THR A 760 3.85 -32.23 19.15
CA THR A 760 4.87 -32.28 20.24
C THR A 760 5.99 -31.24 20.05
N GLY A 761 6.71 -30.94 21.12
CA GLY A 761 7.77 -29.93 21.16
C GLY A 761 9.23 -30.34 20.97
N ALA A 762 9.43 -31.58 20.55
CA ALA A 762 10.72 -32.13 20.31
C ALA A 762 11.03 -31.90 18.87
N PHE A 763 11.64 -30.79 18.58
CA PHE A 763 11.92 -30.50 17.18
C PHE A 763 13.27 -31.02 16.76
N LYS A 764 13.32 -31.70 15.62
CA LYS A 764 14.59 -32.21 15.08
C LYS A 764 15.18 -31.20 14.09
N ASP A 765 16.48 -31.29 13.83
CA ASP A 765 17.16 -30.39 12.91
C ASP A 765 17.13 -30.98 11.48
N GLU A 766 17.26 -32.31 11.38
CA GLU A 766 17.31 -33.02 10.11
C GLU A 766 15.98 -33.03 9.33
N VAL A 767 14.82 -32.80 10.01
CA VAL A 767 13.47 -32.81 9.41
C VAL A 767 13.37 -32.03 8.10
N LEU A 768 13.81 -30.78 8.09
CA LEU A 768 13.73 -29.94 6.91
C LEU A 768 14.70 -30.38 5.83
N ASN A 769 15.89 -30.83 6.25
CA ASN A 769 16.90 -31.29 5.31
C ASN A 769 16.43 -32.56 4.58
N HIS A 770 15.65 -33.43 5.26
CA HIS A 770 15.16 -34.64 4.61
C HIS A 770 14.01 -34.31 3.69
N TRP A 771 13.07 -33.45 4.14
CA TRP A 771 11.90 -33.08 3.34
C TRP A 771 12.32 -32.51 1.99
N LEU A 772 13.40 -31.72 1.97
CA LEU A 772 13.95 -31.14 0.75
C LEU A 772 14.47 -32.19 -0.22
N LYS A 773 15.23 -33.19 0.27
CA LYS A 773 15.74 -34.23 -0.62
C LYS A 773 14.63 -35.15 -1.06
N GLU A 774 13.71 -35.51 -0.14
CA GLU A 774 12.54 -36.34 -0.44
C GLU A 774 11.66 -35.72 -1.51
N LYS A 775 11.53 -34.38 -1.52
CA LYS A 775 10.73 -33.69 -2.53
C LYS A 775 11.53 -33.24 -3.77
N SER A 776 12.74 -33.80 -3.98
CA SER A 776 13.60 -33.47 -5.13
C SER A 776 13.87 -34.69 -6.01
N PRO A 777 13.60 -34.60 -7.33
CA PRO A 777 13.83 -35.77 -8.21
C PRO A 777 15.30 -36.20 -8.32
N THR A 778 16.19 -35.28 -8.73
CA THR A 778 17.61 -35.55 -8.89
C THR A 778 18.42 -34.78 -7.86
N GLU A 779 19.71 -35.15 -7.67
CA GLU A 779 20.59 -34.40 -6.78
C GLU A 779 20.89 -32.99 -7.35
N GLU A 780 20.69 -32.76 -8.68
CA GLU A 780 20.87 -31.46 -9.31
C GLU A 780 19.78 -30.51 -8.82
N LYS A 781 18.53 -31.03 -8.73
CA LYS A 781 17.37 -30.29 -8.24
C LYS A 781 17.42 -30.11 -6.70
N PHE A 782 18.10 -31.03 -5.98
CA PHE A 782 18.27 -30.91 -4.53
C PHE A 782 19.39 -29.92 -4.21
N GLN A 783 20.49 -29.97 -4.96
CA GLN A 783 21.58 -29.01 -4.79
C GLN A 783 21.19 -27.58 -5.21
N ALA A 784 20.03 -27.43 -5.86
CA ALA A 784 19.43 -26.16 -6.26
C ALA A 784 18.54 -25.66 -5.13
N ALA A 785 17.75 -26.56 -4.49
CA ALA A 785 16.87 -26.27 -3.37
C ALA A 785 17.63 -25.69 -2.18
N VAL A 786 18.89 -26.12 -1.98
CA VAL A 786 19.71 -25.58 -0.90
C VAL A 786 20.19 -24.15 -1.22
N GLU A 787 20.39 -23.84 -2.52
CA GLU A 787 20.79 -22.53 -3.00
C GLU A 787 19.57 -21.57 -2.97
N ARG A 788 18.37 -22.10 -3.28
CA ARG A 788 17.13 -21.32 -3.18
C ARG A 788 16.81 -21.08 -1.70
N PHE A 789 17.15 -22.06 -0.82
CA PHE A 789 16.94 -21.93 0.60
C PHE A 789 17.90 -20.92 1.21
N VAL A 790 19.18 -20.95 0.83
CA VAL A 790 20.15 -20.04 1.43
C VAL A 790 19.78 -18.57 1.10
N TYR A 791 19.53 -18.25 -0.15
CA TYR A 791 19.18 -16.89 -0.54
C TYR A 791 17.83 -16.41 -0.03
N SER A 792 16.78 -17.26 -0.10
CA SER A 792 15.45 -16.89 0.40
C SER A 792 15.41 -16.78 1.90
N CYS A 793 16.12 -17.67 2.58
CA CYS A 793 16.20 -17.64 4.03
C CYS A 793 16.90 -16.37 4.49
N ALA A 794 18.09 -16.06 3.96
CA ALA A 794 18.80 -14.84 4.33
C ALA A 794 17.97 -13.57 4.13
N GLY A 795 17.22 -13.52 3.03
CA GLY A 795 16.37 -12.39 2.71
C GLY A 795 15.27 -12.17 3.72
N TYR A 796 14.55 -13.24 4.06
CA TYR A 796 13.45 -13.12 5.03
C TYR A 796 13.95 -12.80 6.44
N CYS A 797 15.22 -13.11 6.73
CA CYS A 797 15.81 -12.83 8.02
C CYS A 797 15.98 -11.33 8.18
N VAL A 798 16.61 -10.66 7.18
CA VAL A 798 16.88 -9.22 7.20
C VAL A 798 15.59 -8.39 7.15
N ALA A 799 14.68 -8.75 6.21
CA ALA A 799 13.40 -8.09 5.97
C ALA A 799 12.48 -8.03 7.21
N THR A 800 12.26 -9.16 7.88
CA THR A 800 11.45 -9.25 9.09
C THR A 800 12.08 -8.52 10.26
N PHE A 801 13.43 -8.48 10.31
CA PHE A 801 14.21 -7.80 11.34
C PHE A 801 14.00 -6.28 11.29
N VAL A 802 14.26 -5.64 10.12
CA VAL A 802 14.04 -4.21 9.94
C VAL A 802 12.57 -3.79 10.24
N LEU A 803 11.62 -4.67 9.92
CA LEU A 803 10.21 -4.39 10.16
C LEU A 803 9.73 -4.69 11.59
N GLY A 804 10.45 -5.55 12.30
CA GLY A 804 10.09 -5.90 13.67
C GLY A 804 9.07 -7.03 13.75
N ILE A 805 9.05 -7.88 12.73
CA ILE A 805 8.15 -9.04 12.67
C ILE A 805 9.00 -10.30 12.37
N GLY A 806 10.15 -10.39 13.04
CA GLY A 806 11.06 -11.53 12.91
C GLY A 806 10.69 -12.64 13.86
N ASP A 807 10.14 -12.30 15.05
CA ASP A 807 9.70 -13.28 16.04
C ASP A 807 8.29 -13.72 15.69
N ARG A 808 8.24 -14.78 14.88
CA ARG A 808 7.02 -15.38 14.37
C ARG A 808 7.00 -16.87 14.67
N HIS A 809 5.80 -17.42 14.93
CA HIS A 809 5.66 -18.85 15.15
C HIS A 809 5.95 -19.58 13.81
N ASN A 810 6.75 -20.66 13.82
CA ASN A 810 7.14 -21.36 12.59
C ASN A 810 5.97 -22.02 11.82
N ASP A 811 4.74 -21.95 12.36
CA ASP A 811 3.54 -22.37 11.66
C ASP A 811 3.11 -21.26 10.64
N ASN A 812 3.65 -20.01 10.80
CA ASN A 812 3.49 -18.85 9.94
C ASN A 812 4.71 -18.66 9.01
N ILE A 813 5.51 -19.70 8.81
CA ILE A 813 6.66 -19.70 7.93
C ILE A 813 6.53 -20.95 7.07
N MET A 814 6.38 -20.77 5.76
CA MET A 814 6.21 -21.84 4.76
C MET A 814 7.44 -21.98 3.85
N ILE A 815 7.53 -23.10 3.10
CA ILE A 815 8.64 -23.39 2.18
C ILE A 815 8.12 -24.21 0.99
N THR A 816 8.63 -23.96 -0.21
CA THR A 816 8.18 -24.70 -1.39
C THR A 816 8.99 -25.98 -1.62
N GLU A 817 8.46 -26.93 -2.42
CA GLU A 817 9.24 -28.15 -2.74
C GLU A 817 10.59 -27.77 -3.44
N THR A 818 10.67 -26.54 -4.01
CA THR A 818 11.88 -26.02 -4.65
C THR A 818 12.81 -25.23 -3.67
N GLY A 819 12.60 -25.40 -2.36
CA GLY A 819 13.39 -24.77 -1.33
C GLY A 819 13.22 -23.28 -1.11
N ASN A 820 12.11 -22.68 -1.61
CA ASN A 820 11.88 -21.24 -1.42
C ASN A 820 11.03 -20.98 -0.17
N LEU A 821 11.71 -20.51 0.89
CA LEU A 821 11.13 -20.16 2.17
C LEU A 821 10.32 -18.86 1.99
N PHE A 822 9.17 -18.73 2.69
CA PHE A 822 8.35 -17.52 2.71
C PHE A 822 7.51 -17.43 4.00
N HIS A 823 7.13 -16.23 4.45
CA HIS A 823 6.31 -16.06 5.65
C HIS A 823 4.85 -15.76 5.29
N ILE A 824 3.90 -16.16 6.13
CA ILE A 824 2.49 -15.88 5.89
C ILE A 824 1.82 -15.25 7.13
N ASP A 825 0.63 -14.63 6.94
CA ASP A 825 -0.22 -14.06 7.98
C ASP A 825 0.42 -12.98 8.88
N PHE A 826 0.72 -11.82 8.30
CA PHE A 826 1.31 -10.69 8.99
C PHE A 826 0.30 -9.77 9.70
N GLY A 827 -0.98 -10.10 9.67
CA GLY A 827 -2.01 -9.25 10.27
C GLY A 827 -2.22 -9.49 11.75
N HIS A 828 -1.15 -9.36 12.55
CA HIS A 828 -1.24 -9.60 14.00
C HIS A 828 -0.65 -8.47 14.88
N ILE A 829 0.64 -8.15 14.67
CA ILE A 829 1.45 -7.17 15.41
C ILE A 829 0.73 -5.84 15.63
N GLU A 842 9.65 -14.76 26.07
CA GLU A 842 10.81 -13.87 25.94
C GLU A 842 10.86 -13.17 24.53
N ARG A 843 12.04 -13.11 23.84
CA ARG A 843 12.18 -12.44 22.55
C ARG A 843 13.28 -13.07 21.65
N VAL A 844 13.15 -12.88 20.32
CA VAL A 844 14.10 -13.31 19.29
C VAL A 844 14.05 -12.27 18.11
N PRO A 845 15.20 -11.98 17.45
CA PRO A 845 15.17 -10.95 16.39
C PRO A 845 14.47 -11.41 15.10
N PHE A 846 14.74 -12.65 14.70
CA PHE A 846 14.18 -13.35 13.53
C PHE A 846 14.37 -14.85 13.72
N VAL A 847 13.71 -15.70 12.91
CA VAL A 847 13.82 -17.14 13.10
C VAL A 847 14.93 -17.78 12.25
N LEU A 848 15.91 -18.39 12.93
CA LEU A 848 17.03 -19.11 12.32
C LEU A 848 17.21 -20.34 13.17
N THR A 849 16.19 -21.21 13.17
CA THR A 849 16.18 -22.42 14.00
C THR A 849 17.13 -23.50 13.52
N PRO A 850 17.57 -24.37 14.43
CA PRO A 850 18.55 -25.40 14.06
C PRO A 850 18.18 -26.34 12.92
N ASP A 851 16.89 -26.42 12.54
CA ASP A 851 16.51 -27.25 11.39
C ASP A 851 17.00 -26.62 10.07
N PHE A 852 17.04 -25.27 10.02
CA PHE A 852 17.51 -24.49 8.88
C PHE A 852 19.04 -24.57 8.81
N LEU A 853 19.72 -24.46 9.96
CA LEU A 853 21.18 -24.55 10.00
C LEU A 853 21.67 -25.89 9.50
N PHE A 854 20.92 -26.96 9.77
CA PHE A 854 21.26 -28.31 9.34
C PHE A 854 21.37 -28.41 7.81
N VAL A 855 20.49 -27.69 7.11
CA VAL A 855 20.44 -27.61 5.65
C VAL A 855 21.68 -26.86 5.13
N MET A 856 22.15 -25.83 5.86
CA MET A 856 23.35 -25.08 5.51
C MET A 856 24.67 -25.81 5.86
N GLY A 857 24.59 -26.83 6.74
CA GLY A 857 25.72 -27.66 7.14
C GLY A 857 26.29 -27.45 8.53
N THR A 858 25.55 -26.78 9.41
CA THR A 858 26.08 -26.54 10.74
C THR A 858 25.24 -27.09 11.89
N SER A 859 25.90 -27.84 12.77
CA SER A 859 25.27 -28.41 13.95
C SER A 859 24.81 -27.32 14.91
N GLY A 860 25.67 -26.32 15.03
CA GLY A 860 25.45 -25.18 15.90
C GLY A 860 26.82 -24.79 16.41
N LYS A 861 27.07 -23.48 16.50
CA LYS A 861 28.37 -22.92 16.92
C LYS A 861 29.52 -23.46 16.05
N LYS A 862 29.30 -23.52 14.75
CA LYS A 862 30.23 -24.05 13.77
C LYS A 862 30.06 -23.28 12.46
N THR A 863 31.02 -23.35 11.55
CA THR A 863 30.89 -22.66 10.28
C THR A 863 31.12 -23.60 9.11
N SER A 864 30.09 -23.77 8.28
CA SER A 864 30.17 -24.64 7.10
C SER A 864 30.30 -23.79 5.81
N PRO A 865 30.60 -24.36 4.62
CA PRO A 865 30.74 -23.51 3.41
C PRO A 865 29.45 -22.81 2.97
N HIS A 866 28.28 -23.44 3.23
CA HIS A 866 27.02 -22.82 2.86
C HIS A 866 26.53 -21.85 3.90
N PHE A 867 26.83 -22.10 5.19
CA PHE A 867 26.48 -21.14 6.24
C PHE A 867 27.27 -19.82 6.03
N GLN A 868 28.52 -19.93 5.50
CA GLN A 868 29.41 -18.84 5.15
C GLN A 868 28.77 -18.03 4.02
N LYS A 869 28.25 -18.73 2.98
CA LYS A 869 27.55 -18.13 1.83
C LYS A 869 26.35 -17.33 2.32
N PHE A 870 25.59 -17.91 3.28
CA PHE A 870 24.42 -17.34 3.92
C PHE A 870 24.73 -15.99 4.59
N GLN A 871 25.61 -15.96 5.61
CA GLN A 871 25.92 -14.73 6.32
C GLN A 871 26.56 -13.66 5.45
N ASP A 872 27.18 -14.05 4.32
CA ASP A 872 27.80 -13.12 3.37
C ASP A 872 26.72 -12.27 2.68
N ILE A 873 25.72 -12.94 2.06
CA ILE A 873 24.61 -12.25 1.40
C ILE A 873 23.70 -11.59 2.43
N CYS A 874 23.53 -12.22 3.59
CA CYS A 874 22.74 -11.74 4.70
C CYS A 874 23.21 -10.36 5.15
N VAL A 875 24.52 -10.21 5.38
CA VAL A 875 25.06 -8.94 5.84
C VAL A 875 25.15 -7.90 4.73
N LYS A 876 25.35 -8.33 3.48
CA LYS A 876 25.37 -7.43 2.34
C LYS A 876 23.95 -6.87 2.07
N ALA A 877 22.90 -7.65 2.38
CA ALA A 877 21.51 -7.26 2.23
C ALA A 877 21.12 -6.21 3.26
N TYR A 878 21.65 -6.34 4.49
CA TYR A 878 21.41 -5.39 5.58
C TYR A 878 22.04 -4.05 5.22
N LEU A 879 23.27 -4.08 4.68
CA LEU A 879 24.01 -2.93 4.19
C LEU A 879 23.17 -2.22 3.11
N ALA A 880 22.70 -3.00 2.09
CA ALA A 880 21.86 -2.50 1.00
C ALA A 880 20.62 -1.78 1.50
N LEU A 881 19.93 -2.31 2.52
CA LEU A 881 18.73 -1.66 3.06
C LEU A 881 19.09 -0.41 3.88
N ARG A 882 20.21 -0.47 4.62
CA ARG A 882 20.70 0.67 5.42
C ARG A 882 20.96 1.91 4.54
N HIS A 883 21.30 1.70 3.27
CA HIS A 883 21.50 2.76 2.31
C HIS A 883 20.19 3.47 1.93
N HIS A 884 19.02 2.87 2.24
CA HIS A 884 17.69 3.42 1.98
C HIS A 884 16.89 3.58 3.28
N THR A 885 17.56 4.01 4.34
CA THR A 885 17.01 4.22 5.67
C THR A 885 15.78 5.15 5.66
N ASN A 886 15.90 6.34 5.11
CA ASN A 886 14.79 7.30 5.07
C ASN A 886 13.53 6.76 4.35
N LEU A 887 13.72 5.90 3.33
CA LEU A 887 12.63 5.32 2.55
C LEU A 887 11.88 4.35 3.42
N LEU A 888 12.57 3.38 4.01
CA LEU A 888 11.95 2.40 4.88
C LEU A 888 11.30 3.09 6.08
N ILE A 889 11.94 4.09 6.68
CA ILE A 889 11.41 4.87 7.80
C ILE A 889 10.10 5.54 7.38
N ILE A 890 10.03 6.12 6.19
CA ILE A 890 8.83 6.81 5.74
C ILE A 890 7.71 5.83 5.35
N LEU A 891 8.02 4.72 4.70
CA LEU A 891 7.02 3.74 4.32
C LEU A 891 6.33 3.17 5.55
N PHE A 892 7.10 2.89 6.61
CA PHE A 892 6.60 2.32 7.85
C PHE A 892 5.89 3.38 8.68
N SER A 893 6.48 4.58 8.73
CA SER A 893 5.96 5.72 9.46
C SER A 893 4.59 6.09 8.94
N MET A 894 4.39 6.04 7.60
CA MET A 894 3.14 6.33 6.92
C MET A 894 2.11 5.21 7.02
N MET A 895 2.55 3.95 6.92
CA MET A 895 1.63 2.82 7.07
C MET A 895 1.08 2.73 8.52
N LEU A 896 1.79 3.30 9.50
CA LEU A 896 1.30 3.32 10.88
C LEU A 896 0.31 4.48 11.08
N MET A 897 0.52 5.62 10.39
CA MET A 897 -0.38 6.77 10.42
C MET A 897 -1.75 6.35 9.87
N THR A 898 -1.76 5.51 8.81
CA THR A 898 -3.00 5.08 8.15
C THR A 898 -3.45 3.60 8.52
N GLY A 899 -2.72 2.58 8.06
CA GLY A 899 -3.04 1.17 8.20
C GLY A 899 -3.08 0.53 9.58
N MET A 900 -2.05 0.76 10.39
CA MET A 900 -1.98 0.19 11.75
C MET A 900 -2.71 1.11 12.75
N PRO A 901 -3.88 0.67 13.29
CA PRO A 901 -4.64 1.54 14.19
C PRO A 901 -4.11 1.67 15.62
N GLN A 902 -3.14 0.82 16.02
CA GLN A 902 -2.52 0.88 17.36
C GLN A 902 -1.24 1.76 17.34
N LEU A 903 -1.20 2.78 16.46
CA LEU A 903 -0.07 3.67 16.22
C LEU A 903 0.36 4.55 17.39
N THR A 904 1.64 4.40 17.77
CA THR A 904 2.26 5.20 18.82
C THR A 904 3.21 6.20 18.14
N SER A 905 2.87 7.49 18.19
CA SER A 905 3.73 8.53 17.58
C SER A 905 4.95 8.84 18.48
N LYS A 906 5.42 7.83 19.23
CA LYS A 906 6.55 7.95 20.12
C LYS A 906 7.50 6.73 20.01
N GLU A 907 7.06 5.52 20.45
CA GLU A 907 7.94 4.34 20.43
C GLU A 907 7.68 3.34 19.28
N ASP A 908 6.43 3.22 18.79
CA ASP A 908 6.11 2.28 17.72
C ASP A 908 6.87 2.66 16.45
N ILE A 909 6.78 3.93 16.06
CA ILE A 909 7.43 4.53 14.91
C ILE A 909 8.97 4.43 14.96
N GLU A 910 9.55 4.46 16.17
CA GLU A 910 11.00 4.47 16.32
C GLU A 910 11.68 3.12 16.49
N TYR A 911 11.00 1.97 16.26
CA TYR A 911 11.69 0.68 16.33
C TYR A 911 12.71 0.60 15.19
N ILE A 912 12.26 0.97 13.97
CA ILE A 912 13.03 0.93 12.74
C ILE A 912 14.27 1.85 12.80
N ARG A 913 14.25 2.91 13.64
CA ARG A 913 15.42 3.77 13.80
C ARG A 913 16.57 2.99 14.46
N ASP A 914 16.32 2.40 15.64
CA ASP A 914 17.32 1.62 16.37
C ASP A 914 17.77 0.41 15.51
N ALA A 915 16.82 -0.24 14.85
CA ALA A 915 17.04 -1.42 14.02
C ALA A 915 17.88 -1.17 12.78
N LEU A 916 17.71 0.00 12.15
CA LEU A 916 18.41 0.28 10.92
C LEU A 916 19.80 0.89 11.11
N THR A 917 20.37 0.80 12.35
CA THR A 917 21.74 1.24 12.66
C THR A 917 21.94 2.71 12.21
N VAL A 918 21.12 3.62 12.77
CA VAL A 918 21.18 5.03 12.39
C VAL A 918 22.39 5.76 12.93
N GLY A 919 23.03 6.54 12.06
CA GLY A 919 24.20 7.33 12.40
C GLY A 919 25.41 6.51 12.79
N LYS A 920 25.48 5.25 12.32
CA LYS A 920 26.63 4.40 12.64
C LYS A 920 27.41 4.03 11.37
N ASN A 921 28.68 3.66 11.53
CA ASN A 921 29.52 3.26 10.41
C ASN A 921 29.10 1.90 9.86
N GLU A 922 29.37 1.65 8.58
CA GLU A 922 29.05 0.40 7.89
C GLU A 922 29.77 -0.82 8.52
N GLU A 923 30.90 -0.62 9.17
CA GLU A 923 31.68 -1.71 9.77
C GLU A 923 31.06 -2.23 11.07
N ASP A 924 30.48 -1.34 11.90
CA ASP A 924 29.79 -1.76 13.13
C ASP A 924 28.56 -2.58 12.74
N ALA A 925 27.82 -2.13 11.71
CA ALA A 925 26.61 -2.77 11.19
C ALA A 925 26.85 -4.24 10.85
N LYS A 926 27.98 -4.57 10.20
CA LYS A 926 28.32 -5.95 9.85
C LYS A 926 28.39 -6.82 11.10
N LYS A 927 29.00 -6.31 12.18
CA LYS A 927 29.09 -7.02 13.44
C LYS A 927 27.72 -7.09 14.14
N TYR A 928 27.00 -5.96 14.23
CA TYR A 928 25.68 -5.89 14.86
C TYR A 928 24.67 -6.84 14.26
N PHE A 929 24.64 -6.93 12.92
CA PHE A 929 23.72 -7.85 12.26
C PHE A 929 24.08 -9.30 12.60
N LEU A 930 25.39 -9.60 12.67
CA LEU A 930 25.91 -10.92 13.02
C LEU A 930 25.74 -11.27 14.52
N ASP A 931 25.52 -10.25 15.37
CA ASP A 931 25.21 -10.43 16.78
C ASP A 931 23.78 -11.00 16.86
N GLN A 932 22.84 -10.40 16.11
CA GLN A 932 21.46 -10.83 16.03
C GLN A 932 21.32 -12.22 15.40
N ILE A 933 22.28 -12.63 14.54
CA ILE A 933 22.35 -13.97 13.96
C ILE A 933 22.69 -14.92 15.13
N GLU A 934 23.69 -14.57 15.96
CA GLU A 934 24.16 -15.34 17.10
C GLU A 934 23.17 -15.35 18.29
N VAL A 935 22.19 -14.42 18.33
CA VAL A 935 21.14 -14.46 19.34
C VAL A 935 20.26 -15.71 19.04
N CYS A 936 19.94 -15.92 17.75
CA CYS A 936 19.18 -17.07 17.22
C CYS A 936 19.92 -18.41 17.38
N ARG A 937 21.23 -18.37 17.66
CA ARG A 937 22.08 -19.55 17.86
C ARG A 937 22.00 -19.99 19.32
N ASP A 938 22.08 -19.03 20.26
CA ASP A 938 21.98 -19.30 21.69
C ASP A 938 20.53 -19.58 22.10
N LYS A 939 19.56 -18.98 21.39
CA LYS A 939 18.16 -19.22 21.68
C LYS A 939 17.74 -20.60 21.12
N GLY A 940 18.24 -20.97 19.94
CA GLY A 940 17.95 -22.27 19.31
C GLY A 940 16.48 -22.52 19.07
N TRP A 941 15.81 -23.16 20.03
CA TRP A 941 14.37 -23.40 19.99
C TRP A 941 13.66 -22.87 21.25
N THR A 942 14.27 -21.94 22.00
CA THR A 942 13.72 -21.38 23.23
C THR A 942 12.37 -20.70 23.00
N VAL A 943 12.34 -19.69 22.09
CA VAL A 943 11.11 -18.98 21.80
C VAL A 943 10.22 -19.81 20.89
N GLN A 944 10.79 -20.68 20.02
CA GLN A 944 9.96 -21.54 19.18
C GLN A 944 9.13 -22.53 20.03
N PHE A 945 9.70 -22.95 21.18
CA PHE A 945 9.05 -23.80 22.16
C PHE A 945 7.96 -22.99 22.88
N ASN A 946 8.26 -21.76 23.29
CA ASN A 946 7.26 -20.90 23.93
C ASN A 946 6.15 -20.48 22.96
N TRP A 947 6.44 -20.44 21.65
CA TRP A 947 5.45 -20.16 20.59
C TRP A 947 4.50 -21.33 20.47
N PHE A 948 5.02 -22.57 20.56
CA PHE A 948 4.21 -23.80 20.58
C PHE A 948 3.39 -23.82 21.90
N LEU A 949 3.97 -23.34 23.00
CA LEU A 949 3.30 -23.28 24.29
C LEU A 949 2.13 -22.27 24.31
N HIS A 950 2.14 -21.28 23.41
CA HIS A 950 1.05 -20.33 23.28
C HIS A 950 -0.26 -20.98 22.74
N LEU A 951 -0.26 -22.33 22.51
CA LEU A 951 -1.41 -23.12 22.07
C LEU A 951 -2.38 -23.35 23.26
N VAL A 952 -1.83 -23.55 24.46
CA VAL A 952 -2.66 -23.73 25.65
C VAL A 952 -2.44 -22.55 26.59
C1 WJV B . 0.39 -18.11 0.79
C11 WJV B . -0.10 -26.45 -1.05
C12 WJV B . -0.25 -26.99 -2.47
C14 WJV B . -2.00 -25.81 -3.64
C15 WJV B . -2.36 -26.48 -4.98
C16 WJV B . -2.90 -25.49 -6.04
C17 WJV B . -4.14 -24.76 -5.53
C18 WJV B . -1.78 -24.53 -6.42
C19 WJV B . -3.35 -26.23 -7.30
C2 WJV B . 0.06 -19.58 0.95
C20 WJV B . -1.22 -19.26 3.02
C21 WJV B . -1.69 -18.58 3.84
C22 WJV B . -2.25 -17.72 4.81
C23 WJV B . -1.95 -16.35 4.78
C24 WJV B . -2.55 -15.53 5.71
C26 WJV B . -3.64 -17.34 6.71
C27 WJV B . -3.15 -18.23 5.78
C3 WJV B . -0.63 -20.05 2.00
C5 WJV B . 0.20 -21.78 0.48
C8 WJV B . 0.02 -24.16 -0.13
N10 WJV B . 0.34 -25.05 -1.10
N25 WJV B . -3.33 -16.05 6.65
N6 WJV B . 0.49 -20.55 0.17
N7 WJV B . 0.47 -22.89 -0.30
O13 WJV B . -0.60 -25.95 -3.39
O9 WJV B . -0.62 -24.51 0.86
S4 WJV B . -0.82 -21.77 1.82
#